data_5D6J
#
_entry.id   5D6J
#
_cell.length_a   122.211
_cell.length_b   122.211
_cell.length_c   142.588
_cell.angle_alpha   90.00
_cell.angle_beta   90.00
_cell.angle_gamma   90.00
#
_symmetry.space_group_name_H-M   'P 43 21 2'
#
loop_
_entity.id
_entity.type
_entity.pdbx_description
1 polymer 'Acyl-CoA synthase'
2 polymer 'Ubiquitin-like protein SMT3'
3 non-polymer 'MAGNESIUM ION'
4 non-polymer "ADENOSINE-5'-TRIPHOSPHATE"
5 water water
#
loop_
_entity_poly.entity_id
_entity_poly.type
_entity_poly.pdbx_seq_one_letter_code
_entity_poly.pdbx_strand_id
1 'polypeptide(L)'
;MPFHNPFIKDGQIKFPDGSSIVAHVERWAKVRGDKLAYRFLDFSTERDGVPRDLTWAQFSARNRAVAARLQQVTQPGDRV
AILCPQNLDYLVAFFGALYAGRIAVPLFDPSEPGHVGRLHAVLDNCHPSAILTTTEAAEGVRKFFRTRPANQRPRVIAVD
AVPDDVASTWVNPDEPDETTIAYLQYTSGSTRIPTGVQITHLNLATNVVQVIEALEGEEGDRGLSWLPFFHDMGLITALL
APMIGHYFTFMTPAAFVRRPERWIRELARKEGDTGGTISVAPNFAFDHAAARGVPKPGSPPLDLSNVKAVLNGSEPISAA
TVRRFNEAFGPFGFPPKAIKPSYGLAEATLFVSTTPSAEEPKIITVDRDQLNSGRIVEVDADSPKAVAQASAGKVGIAEW
AVIVDAESATELPDGQVGEIWISGQNMGTGYWGKPEESVATFQNILKSRTNPSHAEGATDDATWVRTGDYGAFYDGDLYI
TGRVKDLVIIDGRNHYPQDLEYSAQEASKAIRTGYVAAFSVPANQLPDEVFENAHSGIKRDPDDTSEQLVIVAERAPGAH
KLDIGPITDDIRAAIAVRHGVTVRDVLLTAAGAIPRTSSGKIGRRACRAAYLDGSLRAGKVANDFPDATD
;
A
2 'polypeptide(L)' ETHINLKVSDGSSEIFFKIKKTTPLRRLMEAFAKRQGKEMDSLRFLYDGIRIQADQTPEDLDMEDNDIIEAHRE B
#
loop_
_chem_comp.id
_chem_comp.type
_chem_comp.name
_chem_comp.formula
ATP non-polymer ADENOSINE-5'-TRIPHOSPHATE 'C10 H16 N5 O13 P3'
MG non-polymer 'MAGNESIUM ION' 'Mg 2'
#
# COMPACT_ATOMS: atom_id res chain seq x y z
N MET A 1 8.09 30.85 -17.62
CA MET A 1 7.58 30.65 -16.26
C MET A 1 6.33 29.74 -16.11
N PRO A 2 5.73 29.27 -17.22
CA PRO A 2 4.82 28.14 -16.97
C PRO A 2 5.57 26.89 -16.51
N PHE A 3 4.85 25.86 -16.07
CA PHE A 3 5.51 24.66 -15.54
C PHE A 3 6.22 23.88 -16.64
N HIS A 4 7.52 23.63 -16.43
CA HIS A 4 8.29 22.79 -17.32
C HIS A 4 8.82 21.58 -16.56
N ASN A 5 8.52 20.40 -17.08
CA ASN A 5 9.01 19.14 -16.51
C ASN A 5 10.36 18.77 -17.12
N PRO A 6 11.41 18.71 -16.30
CA PRO A 6 12.77 18.49 -16.79
C PRO A 6 12.98 17.10 -17.39
N PHE A 7 12.09 16.17 -17.08
CA PHE A 7 12.25 14.79 -17.53
C PHE A 7 11.43 14.52 -18.77
N ILE A 8 10.78 15.55 -19.29
CA ILE A 8 9.95 15.41 -20.48
C ILE A 8 10.49 16.26 -21.64
N LYS A 9 10.62 15.64 -22.80
CA LYS A 9 11.08 16.31 -24.01
C LYS A 9 10.13 16.00 -25.17
N ASP A 10 9.49 17.03 -25.70
CA ASP A 10 8.50 16.90 -26.78
C ASP A 10 7.38 15.92 -26.39
N GLY A 11 6.81 16.12 -25.22
CA GLY A 11 5.70 15.31 -24.76
C GLY A 11 6.07 13.87 -24.44
N GLN A 12 7.36 13.56 -24.47
CA GLN A 12 7.81 12.21 -24.18
C GLN A 12 8.76 12.18 -22.99
N ILE A 13 8.72 11.08 -22.25
CA ILE A 13 9.57 10.89 -21.09
C ILE A 13 10.94 10.39 -21.55
N LYS A 14 11.97 11.19 -21.33
CA LYS A 14 13.32 10.86 -21.77
C LYS A 14 14.24 10.57 -20.59
N PHE A 15 14.80 9.37 -20.57
CA PHE A 15 15.76 8.96 -19.55
C PHE A 15 17.11 8.60 -20.17
N PRO A 16 18.13 9.48 -20.00
CA PRO A 16 19.49 9.11 -20.36
C PRO A 16 20.05 8.04 -19.41
N ASP A 17 21.26 7.57 -19.67
CA ASP A 17 21.92 6.65 -18.73
C ASP A 17 22.00 7.29 -17.35
N GLY A 18 21.85 6.47 -16.32
CA GLY A 18 21.87 6.96 -14.95
C GLY A 18 20.58 7.68 -14.59
N SER A 19 19.45 7.07 -14.92
CA SER A 19 18.16 7.64 -14.60
C SER A 19 17.38 6.79 -13.59
N SER A 20 17.97 5.67 -13.17
CA SER A 20 17.37 4.87 -12.11
C SER A 20 17.45 5.70 -10.83
N ILE A 21 16.63 5.35 -9.84
CA ILE A 21 16.54 6.17 -8.65
C ILE A 21 17.83 6.09 -7.83
N VAL A 22 18.57 5.00 -7.98
CA VAL A 22 19.87 4.86 -7.33
C VAL A 22 20.88 5.87 -7.88
N ALA A 23 20.91 6.00 -9.20
CA ALA A 23 21.82 6.94 -9.87
C ALA A 23 21.50 8.37 -9.45
N HIS A 24 20.21 8.67 -9.27
CA HIS A 24 19.80 10.00 -8.89
C HIS A 24 20.24 10.34 -7.46
N VAL A 25 20.17 9.38 -6.55
CA VAL A 25 20.61 9.64 -5.18
C VAL A 25 22.11 9.90 -5.16
N GLU A 26 22.85 9.03 -5.85
CA GLU A 26 24.31 9.13 -5.92
C GLU A 26 24.75 10.46 -6.53
N ARG A 27 24.00 10.91 -7.54
CA ARG A 27 24.22 12.21 -8.16
C ARG A 27 24.05 13.36 -7.15
N TRP A 28 22.95 13.35 -6.40
CA TRP A 28 22.74 14.37 -5.37
C TRP A 28 23.85 14.34 -4.31
N ALA A 29 24.28 13.13 -3.95
CA ALA A 29 25.33 12.97 -2.96
C ALA A 29 26.62 13.62 -3.45
N LYS A 30 26.84 13.59 -4.75
CA LYS A 30 28.05 14.19 -5.33
C LYS A 30 27.96 15.70 -5.45
N VAL A 31 26.86 16.21 -6.03
CA VAL A 31 26.81 17.64 -6.35
C VAL A 31 26.30 18.52 -5.20
N ARG A 32 25.53 17.95 -4.28
CA ARG A 32 25.13 18.71 -3.09
C ARG A 32 24.93 17.82 -1.89
N GLY A 33 26.03 17.21 -1.45
CA GLY A 33 25.99 16.19 -0.42
C GLY A 33 25.44 16.62 0.93
N ASP A 34 25.57 17.90 1.27
CA ASP A 34 25.15 18.39 2.58
C ASP A 34 23.70 18.88 2.59
N LYS A 35 23.07 18.91 1.43
CA LYS A 35 21.67 19.27 1.31
C LYS A 35 20.77 18.21 1.99
N LEU A 36 19.77 18.68 2.73
CA LEU A 36 18.82 17.79 3.40
C LEU A 36 18.01 16.99 2.39
N ALA A 37 17.95 15.67 2.59
CA ALA A 37 17.21 14.78 1.71
C ALA A 37 15.93 14.25 2.36
N TYR A 38 16.07 13.67 3.54
CA TYR A 38 14.96 13.02 4.23
C TYR A 38 14.88 13.41 5.69
N ARG A 39 13.68 13.70 6.16
CA ARG A 39 13.45 14.03 7.56
C ARG A 39 12.35 13.16 8.16
N PHE A 40 12.69 12.47 9.25
CA PHE A 40 11.72 11.72 10.02
C PHE A 40 11.33 12.50 11.28
N LEU A 41 10.04 12.80 11.41
CA LEU A 41 9.56 13.43 12.64
C LEU A 41 9.30 12.37 13.69
N ASP A 42 10.18 12.32 14.68
CA ASP A 42 10.11 11.31 15.72
C ASP A 42 9.29 11.83 16.90
N PHE A 43 8.12 11.25 17.12
CA PHE A 43 7.23 11.69 18.20
C PHE A 43 7.19 10.71 19.36
N SER A 44 8.11 9.75 19.37
CA SER A 44 8.09 8.67 20.36
C SER A 44 8.35 9.19 21.78
N THR A 45 9.19 10.21 21.90
CA THR A 45 9.53 10.77 23.21
C THR A 45 8.94 12.16 23.40
N GLU A 46 9.34 13.09 22.54
CA GLU A 46 8.80 14.45 22.59
C GLU A 46 7.46 14.55 21.88
N ARG A 47 6.47 15.07 22.61
CA ARG A 47 5.12 15.24 22.08
C ARG A 47 5.12 16.12 20.83
N ASP A 48 5.97 17.14 20.81
CA ASP A 48 6.04 18.07 19.69
C ASP A 48 7.02 17.61 18.62
N GLY A 49 7.79 16.57 18.93
CA GLY A 49 8.60 15.91 17.94
C GLY A 49 10.07 16.28 17.87
N VAL A 50 10.88 15.31 17.46
CA VAL A 50 12.30 15.52 17.22
C VAL A 50 12.63 15.18 15.77
N PRO A 51 13.05 16.19 15.00
CA PRO A 51 13.42 15.91 13.61
C PRO A 51 14.70 15.08 13.54
N ARG A 52 14.67 13.99 12.77
CA ARG A 52 15.87 13.23 12.49
C ARG A 52 16.17 13.30 10.99
N ASP A 53 17.32 13.89 10.67
CA ASP A 53 17.63 14.27 9.31
C ASP A 53 18.71 13.40 8.66
N LEU A 54 18.64 13.32 7.34
CA LEU A 54 19.66 12.66 6.55
C LEU A 54 19.96 13.54 5.35
N THR A 55 21.22 13.92 5.18
CA THR A 55 21.64 14.63 3.97
C THR A 55 21.79 13.62 2.84
N TRP A 56 21.93 14.09 1.61
CA TRP A 56 22.15 13.18 0.49
C TRP A 56 23.43 12.36 0.66
N ALA A 57 24.52 13.00 1.11
CA ALA A 57 25.77 12.27 1.33
C ALA A 57 25.62 11.23 2.43
N GLN A 58 24.93 11.59 3.51
CA GLN A 58 24.69 10.65 4.61
C GLN A 58 23.79 9.50 4.18
N PHE A 59 22.74 9.82 3.43
CA PHE A 59 21.82 8.83 2.87
C PHE A 59 22.61 7.83 2.03
N SER A 60 23.37 8.35 1.08
CA SER A 60 24.21 7.55 0.21
C SER A 60 25.15 6.60 0.98
N ALA A 61 25.84 7.14 1.99
CA ALA A 61 26.78 6.34 2.78
C ALA A 61 26.08 5.14 3.42
N ARG A 62 24.91 5.38 4.00
CA ARG A 62 24.14 4.30 4.62
C ARG A 62 23.65 3.28 3.58
N ASN A 63 23.14 3.77 2.46
CA ASN A 63 22.64 2.90 1.40
C ASN A 63 23.72 1.96 0.87
N ARG A 64 24.90 2.51 0.62
CA ARG A 64 26.01 1.75 0.06
C ARG A 64 26.55 0.73 1.05
N ALA A 65 26.50 1.05 2.34
CA ALA A 65 26.97 0.15 3.37
C ALA A 65 26.07 -1.08 3.46
N VAL A 66 24.77 -0.84 3.52
CA VAL A 66 23.80 -1.93 3.55
C VAL A 66 23.88 -2.76 2.27
N ALA A 67 24.02 -2.07 1.14
CA ALA A 67 24.09 -2.73 -0.16
C ALA A 67 25.30 -3.65 -0.26
N ALA A 68 26.43 -3.19 0.28
CA ALA A 68 27.67 -3.98 0.25
C ALA A 68 27.52 -5.26 1.05
N ARG A 69 26.94 -5.14 2.25
CA ARG A 69 26.66 -6.33 3.05
C ARG A 69 25.70 -7.26 2.31
N LEU A 70 24.63 -6.69 1.74
CA LEU A 70 23.64 -7.50 1.02
C LEU A 70 24.27 -8.28 -0.13
N GLN A 71 25.24 -7.66 -0.81
CA GLN A 71 25.91 -8.30 -1.95
C GLN A 71 26.82 -9.45 -1.50
N GLN A 72 27.13 -9.51 -0.21
CA GLN A 72 27.95 -10.58 0.32
C GLN A 72 27.12 -11.80 0.71
N VAL A 73 25.84 -11.61 1.00
CA VAL A 73 25.04 -12.71 1.54
C VAL A 73 23.79 -13.04 0.73
N THR A 74 23.60 -12.39 -0.41
CA THR A 74 22.47 -12.69 -1.30
C THR A 74 22.92 -12.72 -2.75
N GLN A 75 22.08 -13.30 -3.60
CA GLN A 75 22.35 -13.44 -5.02
C GLN A 75 21.48 -12.48 -5.82
N PRO A 76 21.95 -12.10 -7.02
CA PRO A 76 21.11 -11.34 -7.96
C PRO A 76 19.73 -11.99 -8.14
N GLY A 77 18.68 -11.19 -8.03
CA GLY A 77 17.33 -11.70 -8.20
C GLY A 77 16.68 -12.13 -6.90
N ASP A 78 17.47 -12.20 -5.83
CA ASP A 78 16.91 -12.51 -4.52
C ASP A 78 16.00 -11.38 -4.06
N ARG A 79 15.01 -11.73 -3.27
CA ARG A 79 14.17 -10.73 -2.64
C ARG A 79 14.67 -10.43 -1.24
N VAL A 80 14.55 -9.17 -0.85
CA VAL A 80 14.99 -8.70 0.46
C VAL A 80 13.83 -7.95 1.11
N ALA A 81 13.32 -8.52 2.21
CA ALA A 81 12.13 -7.97 2.86
C ALA A 81 12.50 -6.94 3.91
N ILE A 82 11.80 -5.81 3.88
CA ILE A 82 12.07 -4.73 4.83
C ILE A 82 11.06 -4.77 5.97
N LEU A 83 11.53 -5.21 7.14
CA LEU A 83 10.68 -5.32 8.30
C LEU A 83 11.14 -4.34 9.37
N CYS A 84 11.43 -3.12 8.93
CA CYS A 84 11.82 -2.03 9.83
C CYS A 84 10.58 -1.30 10.33
N PRO A 85 10.67 -0.67 11.50
CA PRO A 85 9.62 0.29 11.84
C PRO A 85 9.73 1.50 10.91
N GLN A 86 8.66 2.27 10.78
CA GLN A 86 8.70 3.43 9.90
C GLN A 86 9.59 4.53 10.47
N ASN A 87 10.80 4.65 9.93
CA ASN A 87 11.75 5.70 10.30
C ASN A 87 12.81 5.81 9.21
N LEU A 88 13.90 6.52 9.46
CA LEU A 88 14.94 6.72 8.44
C LEU A 88 15.57 5.40 8.00
N ASP A 89 15.73 4.47 8.94
CA ASP A 89 16.36 3.18 8.61
C ASP A 89 15.51 2.32 7.67
N TYR A 90 14.19 2.52 7.69
CA TYR A 90 13.32 1.85 6.72
C TYR A 90 13.76 2.24 5.32
N LEU A 91 13.97 3.53 5.10
CA LEU A 91 14.38 4.02 3.78
C LEU A 91 15.80 3.57 3.42
N VAL A 92 16.70 3.58 4.40
CA VAL A 92 18.05 3.05 4.19
C VAL A 92 17.98 1.58 3.80
N ALA A 93 17.10 0.82 4.46
CA ALA A 93 16.93 -0.59 4.13
C ALA A 93 16.38 -0.78 2.72
N PHE A 94 15.31 -0.06 2.40
CA PHE A 94 14.71 -0.12 1.08
C PHE A 94 15.69 0.25 -0.03
N PHE A 95 16.30 1.43 0.08
CA PHE A 95 17.28 1.87 -0.91
C PHE A 95 18.51 0.97 -0.91
N GLY A 96 18.91 0.48 0.26
CA GLY A 96 20.03 -0.45 0.35
C GLY A 96 19.81 -1.67 -0.52
N ALA A 97 18.58 -2.18 -0.53
CA ALA A 97 18.23 -3.32 -1.37
C ALA A 97 18.34 -2.97 -2.86
N LEU A 98 17.83 -1.80 -3.23
CA LEU A 98 17.95 -1.31 -4.60
C LEU A 98 19.40 -1.14 -5.02
N TYR A 99 20.18 -0.48 -4.16
CA TYR A 99 21.60 -0.26 -4.40
C TYR A 99 22.34 -1.59 -4.62
N ALA A 100 21.86 -2.63 -3.96
CA ALA A 100 22.52 -3.93 -3.99
C ALA A 100 22.21 -4.69 -5.27
N GLY A 101 21.23 -4.20 -6.03
CA GLY A 101 20.74 -4.94 -7.18
C GLY A 101 19.92 -6.14 -6.73
N ARG A 102 19.15 -5.95 -5.65
CA ARG A 102 18.23 -6.98 -5.18
C ARG A 102 16.80 -6.47 -5.23
N ILE A 103 15.82 -7.37 -5.11
CA ILE A 103 14.41 -6.99 -5.20
C ILE A 103 13.85 -6.68 -3.81
N ALA A 104 13.62 -5.40 -3.55
CA ALA A 104 13.08 -4.97 -2.26
C ALA A 104 11.63 -5.40 -2.09
N VAL A 105 11.27 -5.79 -0.88
CA VAL A 105 9.89 -6.08 -0.55
C VAL A 105 9.54 -5.30 0.71
N PRO A 106 9.01 -4.07 0.52
CA PRO A 106 8.72 -3.20 1.66
C PRO A 106 7.57 -3.71 2.50
N LEU A 107 7.87 -4.14 3.72
CA LEU A 107 6.82 -4.61 4.63
C LEU A 107 6.81 -3.74 5.89
N PHE A 108 6.73 -4.35 7.05
CA PHE A 108 6.57 -3.58 8.29
C PHE A 108 7.08 -4.36 9.49
N ASP A 109 7.24 -3.65 10.61
CA ASP A 109 7.67 -4.22 11.87
C ASP A 109 6.58 -5.17 12.40
N PRO A 110 6.92 -6.46 12.59
CA PRO A 110 5.92 -7.45 13.02
C PRO A 110 5.31 -7.15 14.38
N SER A 111 5.95 -6.26 15.13
CA SER A 111 5.40 -5.81 16.42
C SER A 111 4.14 -4.96 16.23
N GLU A 112 3.95 -4.46 15.01
CA GLU A 112 2.75 -3.70 14.66
C GLU A 112 1.51 -4.58 14.82
N PRO A 113 0.42 -4.02 15.34
CA PRO A 113 -0.78 -4.82 15.59
C PRO A 113 -1.62 -5.13 14.35
N GLY A 114 -2.17 -6.34 14.32
CA GLY A 114 -3.25 -6.68 13.40
C GLY A 114 -2.90 -7.11 11.98
N HIS A 115 -1.65 -6.93 11.57
CA HIS A 115 -1.28 -7.14 10.18
C HIS A 115 -0.57 -8.48 9.88
N VAL A 116 -0.56 -9.40 10.84
CA VAL A 116 0.26 -10.60 10.71
C VAL A 116 -0.14 -11.49 9.53
N GLY A 117 -1.43 -11.52 9.21
CA GLY A 117 -1.91 -12.34 8.11
C GLY A 117 -1.32 -11.92 6.79
N ARG A 118 -1.24 -10.61 6.57
CA ARG A 118 -0.65 -10.06 5.36
C ARG A 118 0.84 -10.41 5.26
N LEU A 119 1.50 -10.39 6.41
CA LEU A 119 2.93 -10.65 6.49
C LEU A 119 3.25 -12.09 6.06
N HIS A 120 2.53 -13.06 6.64
CA HIS A 120 2.64 -14.46 6.20
C HIS A 120 2.36 -14.62 4.72
N ALA A 121 1.29 -13.99 4.24
CA ALA A 121 0.88 -14.12 2.84
C ALA A 121 1.98 -13.64 1.88
N VAL A 122 2.56 -12.48 2.18
CA VAL A 122 3.64 -11.97 1.34
C VAL A 122 4.88 -12.87 1.40
N LEU A 123 5.27 -13.29 2.60
CA LEU A 123 6.46 -14.13 2.76
C LEU A 123 6.27 -15.49 2.07
N ASP A 124 5.06 -16.02 2.11
CA ASP A 124 4.77 -17.28 1.42
C ASP A 124 4.76 -17.11 -0.10
N ASN A 125 4.67 -15.88 -0.56
CA ASN A 125 4.66 -15.64 -2.00
C ASN A 125 6.05 -15.32 -2.58
N CYS A 126 6.83 -14.49 -1.91
CA CYS A 126 8.08 -14.01 -2.52
C CYS A 126 9.35 -14.60 -1.92
N HIS A 127 9.24 -15.32 -0.81
CA HIS A 127 10.37 -16.03 -0.19
C HIS A 127 11.71 -15.26 -0.15
N PRO A 128 11.79 -14.22 0.70
CA PRO A 128 13.02 -13.43 0.75
C PRO A 128 14.22 -14.23 1.25
N SER A 129 15.40 -13.90 0.75
CA SER A 129 16.65 -14.51 1.20
C SER A 129 17.25 -13.75 2.38
N ALA A 130 16.76 -12.54 2.62
CA ALA A 130 17.25 -11.74 3.74
C ALA A 130 16.16 -10.85 4.30
N ILE A 131 16.23 -10.63 5.61
CA ILE A 131 15.33 -9.70 6.30
C ILE A 131 16.11 -8.50 6.80
N LEU A 132 15.68 -7.31 6.44
CA LEU A 132 16.27 -6.09 6.97
C LEU A 132 15.36 -5.52 8.05
N THR A 133 15.95 -5.27 9.22
CA THR A 133 15.21 -4.67 10.31
C THR A 133 16.17 -3.75 11.06
N THR A 134 15.80 -3.35 12.28
CA THR A 134 16.69 -2.55 13.11
C THR A 134 16.94 -3.28 14.42
N THR A 135 17.94 -2.82 15.17
CA THR A 135 18.27 -3.43 16.45
C THR A 135 17.09 -3.33 17.42
N GLU A 136 16.38 -2.21 17.35
CA GLU A 136 15.19 -1.99 18.17
C GLU A 136 14.07 -2.99 17.87
N ALA A 137 13.94 -3.39 16.62
CA ALA A 137 12.84 -4.26 16.20
C ALA A 137 13.24 -5.73 16.11
N ALA A 138 14.52 -6.00 16.32
CA ALA A 138 15.11 -7.31 16.05
C ALA A 138 14.45 -8.46 16.83
N GLU A 139 14.17 -8.23 18.10
CA GLU A 139 13.59 -9.27 18.95
C GLU A 139 12.20 -9.66 18.51
N GLY A 140 11.37 -8.65 18.19
CA GLY A 140 10.05 -8.90 17.66
C GLY A 140 10.10 -9.65 16.34
N VAL A 141 11.13 -9.39 15.55
CA VAL A 141 11.30 -10.06 14.27
C VAL A 141 11.63 -11.54 14.50
N ARG A 142 12.57 -11.79 15.42
CA ARG A 142 12.93 -13.15 15.78
C ARG A 142 11.70 -13.94 16.25
N LYS A 143 10.91 -13.34 17.14
CA LYS A 143 9.70 -13.98 17.65
C LYS A 143 8.69 -14.26 16.55
N PHE A 144 8.57 -13.35 15.59
CA PHE A 144 7.65 -13.58 14.50
C PHE A 144 8.05 -14.79 13.68
N PHE A 145 9.35 -14.92 13.40
CA PHE A 145 9.79 -15.99 12.51
C PHE A 145 9.80 -17.36 13.20
N ARG A 146 9.67 -17.36 14.52
CA ARG A 146 9.44 -18.61 15.24
C ARG A 146 8.06 -19.19 14.88
N THR A 147 7.19 -18.36 14.32
CA THR A 147 5.85 -18.81 13.94
C THR A 147 5.83 -19.24 12.48
N ARG A 148 6.97 -19.16 11.81
CA ARG A 148 7.12 -19.65 10.45
C ARG A 148 7.81 -21.01 10.52
N PRO A 149 7.62 -21.86 9.49
CA PRO A 149 8.37 -23.13 9.41
C PRO A 149 9.88 -22.91 9.51
N ALA A 150 10.59 -23.93 10.01
CA ALA A 150 12.02 -23.83 10.26
C ALA A 150 12.82 -23.54 8.99
N ASN A 151 12.34 -23.99 7.85
CA ASN A 151 13.04 -23.68 6.60
C ASN A 151 12.56 -22.38 5.95
N GLN A 152 11.82 -21.59 6.73
CA GLN A 152 11.30 -20.31 6.26
C GLN A 152 11.72 -19.17 7.20
N ARG A 153 12.95 -19.24 7.70
CA ARG A 153 13.46 -18.23 8.61
C ARG A 153 14.78 -17.65 8.08
N PRO A 154 14.69 -16.80 7.04
CA PRO A 154 15.90 -16.28 6.38
C PRO A 154 16.71 -15.39 7.32
N ARG A 155 17.97 -15.18 6.95
CA ARG A 155 18.89 -14.43 7.80
C ARG A 155 18.40 -13.01 8.04
N VAL A 156 18.64 -12.52 9.25
CA VAL A 156 18.19 -11.20 9.65
C VAL A 156 19.36 -10.26 9.83
N ILE A 157 19.23 -9.05 9.30
CA ILE A 157 20.26 -8.02 9.43
C ILE A 157 19.65 -6.74 9.99
N ALA A 158 20.26 -6.18 11.03
CA ALA A 158 19.86 -4.89 11.54
C ALA A 158 20.67 -3.80 10.84
N VAL A 159 20.01 -3.00 10.01
CA VAL A 159 20.76 -2.10 9.12
C VAL A 159 21.51 -1.00 9.88
N ASP A 160 21.04 -0.66 11.09
CA ASP A 160 21.72 0.38 11.86
C ASP A 160 23.01 -0.13 12.52
N ALA A 161 23.27 -1.43 12.41
CA ALA A 161 24.49 -2.00 12.98
C ALA A 161 25.53 -2.26 11.91
N VAL A 162 25.14 -2.06 10.66
CA VAL A 162 26.09 -2.21 9.55
C VAL A 162 26.99 -0.97 9.50
N PRO A 163 28.31 -1.18 9.70
CA PRO A 163 29.28 -0.07 9.73
C PRO A 163 29.40 0.63 8.37
N ASP A 164 29.71 1.92 8.40
CA ASP A 164 29.90 2.69 7.18
C ASP A 164 30.96 2.10 6.26
N ASP A 165 32.08 1.67 6.85
CA ASP A 165 33.24 1.24 6.06
C ASP A 165 32.98 -0.04 5.26
N VAL A 166 31.89 -0.74 5.58
CA VAL A 166 31.46 -1.90 4.81
C VAL A 166 31.22 -1.49 3.34
N ALA A 167 30.81 -0.24 3.16
CA ALA A 167 30.45 0.29 1.84
C ALA A 167 31.60 0.28 0.82
N SER A 168 32.83 0.19 1.30
CA SER A 168 34.00 0.30 0.42
C SER A 168 34.03 -0.77 -0.67
N THR A 169 33.36 -1.89 -0.44
CA THR A 169 33.34 -2.98 -1.40
C THR A 169 32.06 -3.04 -2.24
N TRP A 170 31.19 -2.05 -2.09
CA TRP A 170 29.94 -2.02 -2.86
C TRP A 170 30.19 -1.93 -4.37
N VAL A 171 29.46 -2.74 -5.13
CA VAL A 171 29.54 -2.71 -6.58
C VAL A 171 28.23 -2.15 -7.15
N ASN A 172 28.34 -1.02 -7.84
CA ASN A 172 27.18 -0.43 -8.51
C ASN A 172 26.67 -1.42 -9.56
N PRO A 173 25.41 -1.84 -9.45
CA PRO A 173 24.88 -2.75 -10.47
C PRO A 173 24.87 -2.10 -11.85
N ASP A 174 24.87 -2.93 -12.88
CA ASP A 174 24.83 -2.44 -14.26
C ASP A 174 23.59 -1.59 -14.50
N GLU A 175 23.63 -0.76 -15.52
CA GLU A 175 22.45 -0.02 -15.95
C GLU A 175 21.28 -0.98 -16.12
N PRO A 176 20.20 -0.76 -15.36
CA PRO A 176 19.03 -1.63 -15.44
C PRO A 176 18.35 -1.53 -16.81
N ASP A 177 17.85 -2.65 -17.31
CA ASP A 177 17.04 -2.61 -18.52
C ASP A 177 15.57 -2.61 -18.12
N GLU A 178 14.67 -2.63 -19.09
CA GLU A 178 13.25 -2.51 -18.79
C GLU A 178 12.66 -3.77 -18.19
N THR A 179 13.49 -4.79 -17.96
CA THR A 179 13.04 -6.00 -17.28
C THR A 179 13.59 -6.09 -15.85
N THR A 180 14.55 -5.25 -15.52
CA THR A 180 15.18 -5.28 -14.20
C THR A 180 14.22 -4.85 -13.08
N ILE A 181 13.78 -5.82 -12.29
CA ILE A 181 12.84 -5.55 -11.20
C ILE A 181 13.54 -4.84 -10.03
N ALA A 182 12.97 -3.72 -9.60
CA ALA A 182 13.50 -2.99 -8.46
C ALA A 182 12.86 -3.46 -7.15
N TYR A 183 11.53 -3.50 -7.12
CA TYR A 183 10.83 -3.99 -5.93
C TYR A 183 9.47 -4.60 -6.26
N LEU A 184 8.85 -5.22 -5.26
CA LEU A 184 7.49 -5.72 -5.40
C LEU A 184 6.51 -4.79 -4.69
N GLN A 185 5.51 -4.33 -5.42
CA GLN A 185 4.41 -3.59 -4.83
C GLN A 185 3.22 -4.51 -4.67
N TYR A 186 2.93 -4.89 -3.43
CA TYR A 186 1.79 -5.76 -3.19
C TYR A 186 0.48 -4.99 -3.18
N THR A 187 -0.55 -5.61 -3.77
CA THR A 187 -1.89 -5.03 -3.80
C THR A 187 -2.49 -5.03 -2.40
N SER A 188 -3.59 -4.31 -2.22
CA SER A 188 -4.21 -4.20 -0.90
C SER A 188 -4.92 -5.50 -0.48
N GLY A 189 -5.12 -6.40 -1.43
CA GLY A 189 -5.82 -7.64 -1.14
C GLY A 189 -7.30 -7.42 -0.89
N SER A 190 -7.92 -6.53 -1.65
CA SER A 190 -9.34 -6.23 -1.51
C SER A 190 -10.22 -7.36 -2.04
N THR A 191 -9.78 -8.01 -3.12
CA THR A 191 -10.60 -9.02 -3.79
C THR A 191 -9.95 -10.41 -3.76
N ARG A 192 -8.82 -10.53 -3.08
CA ARG A 192 -7.99 -11.74 -3.14
C ARG A 192 -6.86 -11.65 -2.14
N ILE A 193 -6.01 -12.66 -2.11
CA ILE A 193 -4.74 -12.60 -1.39
C ILE A 193 -3.88 -11.52 -2.05
N PRO A 194 -3.22 -10.67 -1.24
CA PRO A 194 -2.33 -9.64 -1.80
C PRO A 194 -1.36 -10.22 -2.83
N THR A 195 -1.27 -9.59 -3.99
CA THR A 195 -0.47 -10.11 -5.08
C THR A 195 0.65 -9.10 -5.34
N GLY A 196 1.83 -9.61 -5.71
CA GLY A 196 3.00 -8.76 -5.82
C GLY A 196 3.33 -8.28 -7.22
N VAL A 197 3.02 -7.03 -7.50
CA VAL A 197 3.34 -6.47 -8.81
C VAL A 197 4.84 -6.22 -8.92
N GLN A 198 5.42 -6.67 -10.03
CA GLN A 198 6.83 -6.49 -10.30
C GLN A 198 7.10 -5.09 -10.83
N ILE A 199 7.70 -4.24 -10.01
CA ILE A 199 8.00 -2.87 -10.41
C ILE A 199 9.47 -2.74 -10.81
N THR A 200 9.69 -2.40 -12.08
CA THR A 200 11.05 -2.19 -12.57
C THR A 200 11.54 -0.79 -12.25
N HIS A 201 12.84 -0.58 -12.42
CA HIS A 201 13.44 0.74 -12.27
C HIS A 201 12.85 1.71 -13.28
N LEU A 202 12.51 1.20 -14.47
CA LEU A 202 11.86 2.01 -15.50
C LEU A 202 10.44 2.35 -15.07
N ASN A 203 9.68 1.37 -14.58
CA ASN A 203 8.35 1.61 -14.02
C ASN A 203 8.38 2.75 -13.01
N LEU A 204 9.30 2.60 -12.04
CA LEU A 204 9.39 3.52 -10.92
C LEU A 204 9.73 4.95 -11.35
N ALA A 205 10.79 5.10 -12.14
CA ALA A 205 11.22 6.42 -12.60
C ALA A 205 10.13 7.06 -13.46
N THR A 206 9.49 6.25 -14.29
CA THR A 206 8.43 6.72 -15.17
C THR A 206 7.26 7.28 -14.36
N ASN A 207 6.82 6.54 -13.33
CA ASN A 207 5.66 6.98 -12.56
C ASN A 207 5.98 8.18 -11.68
N VAL A 208 7.21 8.27 -11.21
CA VAL A 208 7.66 9.47 -10.50
C VAL A 208 7.55 10.70 -11.41
N VAL A 209 7.99 10.56 -12.65
CA VAL A 209 7.87 11.66 -13.61
C VAL A 209 6.40 11.98 -13.89
N GLN A 210 5.58 10.94 -14.01
CA GLN A 210 4.15 11.13 -14.21
C GLN A 210 3.49 11.86 -13.02
N VAL A 211 3.91 11.54 -11.81
CA VAL A 211 3.37 12.23 -10.63
C VAL A 211 3.84 13.70 -10.62
N ILE A 212 5.11 13.92 -10.93
CA ILE A 212 5.66 15.27 -11.00
C ILE A 212 4.88 16.10 -12.03
N GLU A 213 4.57 15.48 -13.16
CA GLU A 213 3.81 16.15 -14.21
C GLU A 213 2.42 16.52 -13.73
N ALA A 214 1.75 15.54 -13.13
CA ALA A 214 0.36 15.70 -12.68
C ALA A 214 0.22 16.77 -11.61
N LEU A 215 1.23 16.88 -10.75
CA LEU A 215 1.17 17.82 -9.64
C LEU A 215 1.88 19.13 -9.96
N GLU A 216 2.53 19.20 -11.12
CA GLU A 216 3.36 20.35 -11.47
C GLU A 216 4.38 20.63 -10.36
N GLY A 217 5.05 19.56 -9.92
CA GLY A 217 5.93 19.62 -8.77
C GLY A 217 7.26 20.30 -9.04
N GLU A 218 7.68 21.14 -8.10
CA GLU A 218 8.95 21.85 -8.19
C GLU A 218 9.88 21.46 -7.03
N GLU A 219 11.14 21.82 -7.13
CA GLU A 219 12.12 21.47 -6.09
C GLU A 219 11.82 22.18 -4.77
N GLY A 220 11.10 23.29 -4.84
CA GLY A 220 10.70 24.02 -3.64
C GLY A 220 9.44 23.47 -2.99
N ASP A 221 8.83 22.47 -3.61
CA ASP A 221 7.61 21.86 -3.08
C ASP A 221 7.92 20.74 -2.07
N ARG A 222 7.88 21.06 -0.78
CA ARG A 222 8.14 20.07 0.27
C ARG A 222 7.19 18.88 0.22
N GLY A 223 7.74 17.67 0.30
CA GLY A 223 6.95 16.46 0.32
C GLY A 223 6.68 16.02 1.74
N LEU A 224 5.47 15.52 1.99
CA LEU A 224 5.04 15.17 3.35
C LEU A 224 4.09 13.98 3.36
N SER A 225 4.29 13.05 4.30
CA SER A 225 3.40 11.89 4.39
C SER A 225 3.39 11.26 5.79
N TRP A 226 2.26 10.65 6.15
CA TRP A 226 2.22 9.79 7.33
C TRP A 226 1.93 8.33 6.96
N LEU A 227 1.66 8.09 5.68
CA LEU A 227 1.29 6.76 5.21
C LEU A 227 2.40 5.72 5.34
N PRO A 228 2.02 4.47 5.63
CA PRO A 228 2.97 3.35 5.67
C PRO A 228 3.67 3.18 4.34
N PHE A 229 4.95 2.80 4.37
CA PHE A 229 5.69 2.65 3.13
C PHE A 229 5.29 1.37 2.38
N PHE A 230 4.55 0.49 3.06
CA PHE A 230 4.11 -0.73 2.41
C PHE A 230 2.74 -0.54 1.75
N HIS A 231 2.21 0.67 1.86
CA HIS A 231 1.02 1.02 1.09
C HIS A 231 1.45 1.62 -0.23
N ASP A 232 0.64 1.41 -1.26
CA ASP A 232 0.88 1.95 -2.59
C ASP A 232 1.25 3.44 -2.58
N MET A 233 0.37 4.25 -1.99
CA MET A 233 0.56 5.69 -1.94
C MET A 233 1.69 6.11 -1.00
N GLY A 234 1.93 5.30 0.03
CA GLY A 234 2.94 5.64 1.01
C GLY A 234 4.34 5.64 0.42
N LEU A 235 4.59 4.70 -0.49
CA LEU A 235 5.94 4.50 -0.99
C LEU A 235 6.38 5.53 -2.04
N ILE A 236 5.56 5.69 -3.07
CA ILE A 236 5.95 6.53 -4.21
C ILE A 236 6.17 7.99 -3.83
N THR A 237 5.37 8.50 -2.89
CA THR A 237 5.54 9.87 -2.38
C THR A 237 6.92 10.08 -1.76
N ALA A 238 7.44 9.02 -1.15
CA ALA A 238 8.75 9.06 -0.50
C ALA A 238 9.87 8.93 -1.53
N LEU A 239 9.53 8.54 -2.76
CA LEU A 239 10.54 8.26 -3.79
C LEU A 239 10.64 9.37 -4.84
N LEU A 240 9.85 10.43 -4.68
CA LEU A 240 9.93 11.58 -5.57
C LEU A 240 11.23 12.37 -5.39
N ALA A 241 11.74 12.41 -4.17
CA ALA A 241 12.81 13.33 -3.78
C ALA A 241 14.08 13.30 -4.65
N PRO A 242 14.61 12.10 -4.99
CA PRO A 242 15.86 12.12 -5.76
C PRO A 242 15.71 12.76 -7.14
N MET A 243 14.50 12.73 -7.69
CA MET A 243 14.27 13.27 -9.02
C MET A 243 13.73 14.71 -8.96
N ILE A 244 12.76 14.97 -8.10
CA ILE A 244 12.16 16.30 -8.02
C ILE A 244 13.07 17.28 -7.30
N GLY A 245 13.91 16.78 -6.39
CA GLY A 245 14.86 17.61 -5.70
C GLY A 245 14.39 18.32 -4.44
N HIS A 246 13.18 17.98 -3.96
CA HIS A 246 12.73 18.52 -2.66
C HIS A 246 13.38 17.71 -1.55
N TYR A 247 13.08 18.04 -0.30
CA TYR A 247 13.33 17.08 0.77
C TYR A 247 11.99 16.53 1.23
N PHE A 248 12.00 15.28 1.71
CA PHE A 248 10.78 14.59 2.08
C PHE A 248 10.69 14.43 3.59
N THR A 249 9.54 14.75 4.16
CA THR A 249 9.33 14.67 5.60
C THR A 249 8.22 13.67 5.91
N PHE A 250 8.44 12.78 6.88
CA PHE A 250 7.39 11.82 7.21
C PHE A 250 7.32 11.53 8.70
N MET A 251 6.18 10.98 9.09
CA MET A 251 5.93 10.56 10.46
C MET A 251 5.25 9.19 10.40
N THR A 252 5.08 8.54 11.55
CA THR A 252 4.38 7.26 11.58
C THR A 252 2.88 7.48 11.48
N PRO A 253 2.15 6.47 11.00
CA PRO A 253 0.69 6.56 11.03
C PRO A 253 0.15 6.71 12.45
N ALA A 254 0.77 6.04 13.42
CA ALA A 254 0.31 6.12 14.80
C ALA A 254 0.44 7.54 15.32
N ALA A 255 1.53 8.20 14.95
CA ALA A 255 1.74 9.60 15.32
C ALA A 255 0.65 10.49 14.76
N PHE A 256 0.26 10.25 13.50
CA PHE A 256 -0.83 11.02 12.89
C PHE A 256 -2.15 10.78 13.59
N VAL A 257 -2.48 9.52 13.83
CA VAL A 257 -3.75 9.16 14.47
C VAL A 257 -3.88 9.81 15.84
N ARG A 258 -2.79 9.80 16.61
CA ARG A 258 -2.79 10.35 17.94
C ARG A 258 -2.98 11.86 17.95
N ARG A 259 -2.39 12.53 16.97
CA ARG A 259 -2.45 13.99 16.94
C ARG A 259 -2.37 14.48 15.50
N PRO A 260 -3.50 14.46 14.78
CA PRO A 260 -3.51 14.80 13.35
C PRO A 260 -3.10 16.25 13.06
N GLU A 261 -3.10 17.13 14.07
CA GLU A 261 -2.63 18.50 13.86
C GLU A 261 -1.15 18.51 13.46
N ARG A 262 -0.42 17.47 13.86
CA ARG A 262 0.98 17.31 13.47
C ARG A 262 1.15 17.35 11.95
N TRP A 263 0.21 16.72 11.24
CA TRP A 263 0.24 16.71 9.78
C TRP A 263 -0.20 18.06 9.23
N ILE A 264 -1.24 18.61 9.84
CA ILE A 264 -1.74 19.93 9.47
C ILE A 264 -0.65 20.99 9.62
N ARG A 265 0.09 20.93 10.72
CA ARG A 265 1.15 21.91 10.97
C ARG A 265 2.31 21.78 9.99
N GLU A 266 2.61 20.56 9.55
CA GLU A 266 3.65 20.36 8.56
C GLU A 266 3.19 20.77 7.16
N LEU A 267 1.91 20.61 6.87
CA LEU A 267 1.37 21.09 5.61
C LEU A 267 1.50 22.61 5.49
N ALA A 268 1.44 23.28 6.64
CA ALA A 268 1.32 24.73 6.68
C ALA A 268 2.59 25.44 6.22
N ARG A 269 2.44 26.71 5.87
CA ARG A 269 3.55 27.53 5.41
C ARG A 269 4.61 27.67 6.49
N LYS A 270 5.86 27.36 6.12
CA LYS A 270 7.02 27.60 6.97
C LYS A 270 7.78 28.81 6.44
N GLU A 271 8.48 29.52 7.32
CA GLU A 271 9.28 30.63 6.84
C GLU A 271 10.43 30.09 6.01
N GLY A 272 10.63 30.66 4.84
CA GLY A 272 11.64 30.16 3.92
C GLY A 272 11.09 29.28 2.82
N ASP A 273 9.79 28.98 2.89
CA ASP A 273 9.13 28.21 1.83
C ASP A 273 9.20 28.95 0.50
N THR A 274 9.62 28.24 -0.55
CA THR A 274 9.64 28.82 -1.89
C THR A 274 8.75 28.01 -2.83
N GLY A 275 7.85 27.23 -2.24
CA GLY A 275 6.93 26.42 -3.02
C GLY A 275 5.72 26.03 -2.19
N GLY A 276 5.01 25.00 -2.63
CA GLY A 276 3.81 24.54 -1.95
C GLY A 276 3.90 23.08 -1.55
N THR A 277 3.30 22.75 -0.42
CA THR A 277 3.44 21.41 0.14
C THR A 277 2.69 20.37 -0.69
N ILE A 278 3.31 19.22 -0.85
CA ILE A 278 2.71 18.08 -1.52
C ILE A 278 2.58 16.92 -0.54
N SER A 279 1.38 16.40 -0.40
CA SER A 279 1.15 15.30 0.51
C SER A 279 0.18 14.30 -0.09
N VAL A 280 -0.26 13.37 0.74
CA VAL A 280 -1.07 12.26 0.27
C VAL A 280 -2.01 11.84 1.39
N ALA A 281 -3.27 11.56 1.05
CA ALA A 281 -4.29 11.31 2.07
C ALA A 281 -5.46 10.50 1.57
N PRO A 282 -5.72 9.34 2.19
CA PRO A 282 -7.01 8.68 2.00
C PRO A 282 -8.11 9.51 2.65
N ASN A 283 -9.37 9.19 2.41
CA ASN A 283 -10.49 9.93 3.00
C ASN A 283 -10.36 10.06 4.51
N PHE A 284 -9.83 9.02 5.14
CA PHE A 284 -9.68 8.98 6.59
C PHE A 284 -8.81 10.13 7.13
N ALA A 285 -7.73 10.43 6.42
CA ALA A 285 -6.83 11.51 6.84
C ALA A 285 -7.55 12.84 6.91
N PHE A 286 -8.35 13.14 5.89
CA PHE A 286 -9.17 14.34 5.87
C PHE A 286 -10.20 14.35 7.00
N ASP A 287 -10.91 13.23 7.16
CA ASP A 287 -11.94 13.11 8.20
C ASP A 287 -11.36 13.28 9.60
N HIS A 288 -10.24 12.62 9.85
CA HIS A 288 -9.64 12.59 11.18
C HIS A 288 -9.06 13.96 11.54
N ALA A 289 -8.40 14.59 10.56
CA ALA A 289 -7.82 15.90 10.78
C ALA A 289 -8.92 16.94 11.00
N ALA A 290 -10.02 16.80 10.28
CA ALA A 290 -11.12 17.74 10.43
C ALA A 290 -11.75 17.63 11.82
N ALA A 291 -11.82 16.41 12.34
CA ALA A 291 -12.48 16.17 13.62
C ALA A 291 -11.56 16.30 14.84
N ARG A 292 -10.26 16.10 14.64
CA ARG A 292 -9.33 16.08 15.77
C ARG A 292 -8.07 16.93 15.57
N GLY A 293 -7.97 17.61 14.43
CA GLY A 293 -6.74 18.29 14.08
C GLY A 293 -6.83 19.80 13.94
N VAL A 294 -8.01 20.35 14.14
CA VAL A 294 -8.15 21.80 14.10
C VAL A 294 -7.50 22.36 15.35
N PRO A 295 -6.60 23.36 15.18
CA PRO A 295 -5.98 24.01 16.32
C PRO A 295 -7.01 24.48 17.34
N LYS A 296 -6.75 24.22 18.62
CA LYS A 296 -7.59 24.70 19.70
C LYS A 296 -7.65 26.23 19.71
N PRO A 297 -8.73 26.79 20.27
CA PRO A 297 -8.82 28.25 20.42
C PRO A 297 -7.59 28.83 21.12
N GLY A 298 -7.02 29.88 20.55
CA GLY A 298 -5.86 30.53 21.14
C GLY A 298 -4.52 29.98 20.67
N SER A 299 -4.55 28.97 19.82
CA SER A 299 -3.33 28.35 19.30
C SER A 299 -2.54 29.34 18.44
N PRO A 300 -1.24 29.04 18.18
CA PRO A 300 -0.49 29.84 17.21
C PRO A 300 -1.19 29.92 15.86
N PRO A 301 -0.93 30.98 15.07
CA PRO A 301 -1.56 31.10 13.76
C PRO A 301 -1.24 29.91 12.86
N LEU A 302 -2.20 29.56 12.01
CA LEU A 302 -2.04 28.47 11.05
C LEU A 302 -2.33 29.00 9.66
N ASP A 303 -1.37 28.86 8.75
CA ASP A 303 -1.55 29.32 7.37
C ASP A 303 -1.42 28.16 6.39
N LEU A 304 -2.55 27.76 5.80
CA LEU A 304 -2.56 26.64 4.86
C LEU A 304 -2.74 27.09 3.42
N SER A 305 -2.54 28.38 3.15
CA SER A 305 -2.71 28.92 1.81
C SER A 305 -1.56 28.51 0.88
N ASN A 306 -0.53 27.91 1.45
CA ASN A 306 0.64 27.45 0.70
C ASN A 306 0.46 26.06 0.08
N VAL A 307 -0.46 25.27 0.59
CA VAL A 307 -0.59 23.87 0.18
C VAL A 307 -0.86 23.76 -1.31
N LYS A 308 -0.02 23.01 -2.02
CA LYS A 308 -0.20 22.83 -3.46
C LYS A 308 -1.08 21.61 -3.78
N ALA A 309 -0.81 20.47 -3.16
CA ALA A 309 -1.57 19.27 -3.50
C ALA A 309 -1.59 18.23 -2.38
N VAL A 310 -2.77 17.70 -2.13
CA VAL A 310 -2.93 16.52 -1.28
C VAL A 310 -3.56 15.44 -2.12
N LEU A 311 -2.74 14.50 -2.58
CA LEU A 311 -3.19 13.44 -3.47
C LEU A 311 -4.09 12.47 -2.70
N ASN A 312 -5.32 12.31 -3.20
CA ASN A 312 -6.29 11.43 -2.55
C ASN A 312 -6.51 10.19 -3.42
N GLY A 313 -6.38 9.02 -2.83
CA GLY A 313 -6.51 7.80 -3.61
C GLY A 313 -6.88 6.55 -2.83
N SER A 314 -6.76 5.41 -3.51
CA SER A 314 -7.11 4.07 -3.04
C SER A 314 -8.63 3.85 -2.99
N GLU A 315 -9.39 4.92 -3.25
CA GLU A 315 -10.82 4.90 -3.02
C GLU A 315 -11.48 6.12 -3.66
N PRO A 316 -12.81 6.07 -3.88
CA PRO A 316 -13.49 7.29 -4.33
C PRO A 316 -13.56 8.33 -3.22
N ILE A 317 -13.27 9.59 -3.54
CA ILE A 317 -13.40 10.65 -2.55
C ILE A 317 -14.87 10.91 -2.24
N SER A 318 -15.15 11.15 -0.97
CA SER A 318 -16.51 11.43 -0.49
C SER A 318 -16.83 12.92 -0.51
N ALA A 319 -18.05 13.27 -0.91
CA ALA A 319 -18.48 14.66 -0.94
C ALA A 319 -18.52 15.25 0.47
N ALA A 320 -19.00 14.44 1.42
CA ALA A 320 -19.07 14.85 2.82
C ALA A 320 -17.68 15.09 3.39
N THR A 321 -16.74 14.23 3.03
CA THR A 321 -15.35 14.40 3.44
C THR A 321 -14.78 15.74 2.93
N VAL A 322 -15.04 16.03 1.66
CA VAL A 322 -14.58 17.28 1.07
C VAL A 322 -15.21 18.50 1.75
N ARG A 323 -16.51 18.41 2.03
CA ARG A 323 -17.20 19.51 2.70
C ARG A 323 -16.62 19.76 4.10
N ARG A 324 -16.50 18.68 4.88
CA ARG A 324 -16.02 18.80 6.25
C ARG A 324 -14.58 19.32 6.35
N PHE A 325 -13.71 18.91 5.44
CA PHE A 325 -12.32 19.33 5.52
C PHE A 325 -12.18 20.81 5.17
N ASN A 326 -12.89 21.25 4.14
CA ASN A 326 -12.86 22.66 3.75
C ASN A 326 -13.56 23.58 4.75
N GLU A 327 -14.61 23.09 5.40
CA GLU A 327 -15.25 23.86 6.46
C GLU A 327 -14.30 24.02 7.63
N ALA A 328 -13.57 22.95 7.94
CA ALA A 328 -12.64 22.97 9.07
C ALA A 328 -11.38 23.80 8.81
N PHE A 329 -10.85 23.75 7.59
CA PHE A 329 -9.53 24.36 7.35
C PHE A 329 -9.53 25.48 6.32
N GLY A 330 -10.65 25.67 5.65
CA GLY A 330 -10.85 26.87 4.84
C GLY A 330 -10.59 28.18 5.57
N PRO A 331 -11.06 28.33 6.82
CA PRO A 331 -10.75 29.55 7.58
C PRO A 331 -9.26 29.79 7.79
N PHE A 332 -8.42 28.78 7.57
CA PHE A 332 -6.98 28.93 7.73
C PHE A 332 -6.28 29.06 6.39
N GLY A 333 -7.07 29.27 5.33
CA GLY A 333 -6.53 29.54 4.03
C GLY A 333 -6.33 28.31 3.14
N PHE A 334 -6.82 27.16 3.59
CA PHE A 334 -6.68 25.94 2.78
C PHE A 334 -7.42 26.09 1.46
N PRO A 335 -6.71 25.90 0.34
CA PRO A 335 -7.28 26.02 -1.00
C PRO A 335 -8.03 24.74 -1.39
N PRO A 336 -9.34 24.85 -1.69
CA PRO A 336 -10.13 23.68 -2.07
C PRO A 336 -9.52 22.91 -3.24
N LYS A 337 -8.81 23.60 -4.13
CA LYS A 337 -8.20 22.94 -5.28
C LYS A 337 -7.02 22.03 -4.91
N ALA A 338 -6.52 22.16 -3.68
CA ALA A 338 -5.40 21.34 -3.23
C ALA A 338 -5.80 19.86 -3.04
N ILE A 339 -7.09 19.60 -2.78
CA ILE A 339 -7.54 18.21 -2.69
C ILE A 339 -7.57 17.60 -4.09
N LYS A 340 -6.74 16.58 -4.31
CA LYS A 340 -6.61 15.96 -5.62
C LYS A 340 -7.13 14.52 -5.64
N PRO A 341 -8.42 14.33 -5.96
CA PRO A 341 -8.88 12.95 -6.16
C PRO A 341 -8.10 12.31 -7.31
N SER A 342 -7.77 11.04 -7.17
CA SER A 342 -6.95 10.37 -8.17
C SER A 342 -7.31 8.91 -8.31
N TYR A 343 -6.94 8.34 -9.46
CA TYR A 343 -7.05 6.91 -9.68
C TYR A 343 -5.64 6.32 -9.66
N GLY A 344 -5.49 5.23 -8.93
CA GLY A 344 -4.22 4.54 -8.84
C GLY A 344 -4.38 3.09 -8.42
N LEU A 345 -3.34 2.30 -8.66
CA LEU A 345 -3.32 0.89 -8.30
C LEU A 345 -1.90 0.35 -8.44
N ALA A 346 -1.63 -0.75 -7.75
CA ALA A 346 -0.28 -1.31 -7.73
C ALA A 346 0.22 -1.65 -9.13
N GLU A 347 -0.68 -2.12 -10.00
CA GLU A 347 -0.31 -2.56 -11.34
C GLU A 347 0.30 -1.41 -12.18
N ALA A 348 -0.03 -0.18 -11.81
CA ALA A 348 0.46 0.98 -12.54
C ALA A 348 1.64 1.64 -11.81
N THR A 349 2.30 0.88 -10.93
CA THR A 349 3.25 1.40 -9.93
C THR A 349 2.45 2.16 -8.87
N LEU A 350 1.84 3.28 -9.27
CA LEU A 350 0.80 3.93 -8.45
C LEU A 350 -0.15 4.74 -9.31
N PHE A 351 0.35 5.79 -9.94
CA PHE A 351 -0.49 6.87 -10.43
C PHE A 351 -1.01 6.72 -11.87
N VAL A 352 -2.31 6.89 -12.04
CA VAL A 352 -2.93 6.83 -13.37
C VAL A 352 -3.55 8.17 -13.78
N SER A 353 -4.32 8.78 -12.88
CA SER A 353 -5.05 10.00 -13.22
C SER A 353 -5.36 10.88 -12.01
N THR A 354 -5.47 12.18 -12.25
CA THR A 354 -5.95 13.11 -11.25
C THR A 354 -6.50 14.38 -11.91
N THR A 355 -7.03 15.29 -11.10
CA THR A 355 -7.58 16.53 -11.61
C THR A 355 -6.50 17.47 -12.15
N PRO A 356 -6.86 18.32 -13.13
CA PRO A 356 -5.94 19.39 -13.51
C PRO A 356 -5.80 20.39 -12.36
N SER A 357 -4.67 21.10 -12.29
CA SER A 357 -4.36 21.95 -11.15
C SER A 357 -5.36 23.06 -10.92
N ALA A 358 -6.08 23.46 -11.96
CA ALA A 358 -7.07 24.53 -11.83
C ALA A 358 -8.33 24.07 -11.10
N GLU A 359 -8.58 22.76 -11.06
CA GLU A 359 -9.89 22.25 -10.66
C GLU A 359 -10.02 21.73 -9.23
N GLU A 360 -11.26 21.72 -8.75
CA GLU A 360 -11.62 21.19 -7.45
C GLU A 360 -12.21 19.79 -7.62
N PRO A 361 -12.29 19.00 -6.53
CA PRO A 361 -12.92 17.68 -6.60
C PRO A 361 -14.34 17.74 -7.20
N LYS A 362 -14.63 16.83 -8.13
CA LYS A 362 -15.95 16.77 -8.73
C LYS A 362 -16.65 15.45 -8.38
N ILE A 363 -17.77 15.57 -7.66
CA ILE A 363 -18.61 14.42 -7.36
C ILE A 363 -19.98 14.63 -7.98
N ILE A 364 -20.40 13.70 -8.84
CA ILE A 364 -21.70 13.80 -9.47
C ILE A 364 -22.66 12.75 -8.93
N THR A 365 -23.95 12.95 -9.18
CA THR A 365 -24.97 11.95 -8.88
C THR A 365 -25.58 11.43 -10.17
N VAL A 366 -25.67 10.11 -10.29
CA VAL A 366 -26.13 9.51 -11.54
C VAL A 366 -27.36 8.64 -11.30
N ASP A 367 -28.06 8.32 -12.39
CA ASP A 367 -29.29 7.53 -12.34
C ASP A 367 -29.00 6.05 -12.06
N ARG A 368 -29.55 5.55 -10.96
CA ARG A 368 -29.32 4.15 -10.57
C ARG A 368 -29.71 3.15 -11.66
N ASP A 369 -30.89 3.33 -12.25
CA ASP A 369 -31.35 2.41 -13.29
C ASP A 369 -30.43 2.41 -14.51
N GLN A 370 -30.03 3.59 -14.95
CA GLN A 370 -29.08 3.69 -16.06
C GLN A 370 -27.71 3.10 -15.69
N LEU A 371 -27.26 3.37 -14.47
CA LEU A 371 -25.98 2.87 -14.00
C LEU A 371 -25.95 1.34 -13.98
N ASN A 372 -26.96 0.74 -13.37
CA ASN A 372 -27.09 -0.72 -13.33
C ASN A 372 -27.16 -1.34 -14.73
N SER A 373 -27.59 -0.56 -15.72
CA SER A 373 -27.64 -1.03 -17.11
C SER A 373 -26.40 -0.63 -17.89
N GLY A 374 -25.42 -0.04 -17.21
CA GLY A 374 -24.13 0.21 -17.83
C GLY A 374 -23.98 1.56 -18.51
N ARG A 375 -24.74 2.56 -18.05
CA ARG A 375 -24.63 3.88 -18.65
C ARG A 375 -24.67 4.96 -17.59
N ILE A 376 -23.91 6.03 -17.83
CA ILE A 376 -23.84 7.15 -16.90
C ILE A 376 -24.75 8.27 -17.34
N VAL A 377 -25.73 8.61 -16.50
CA VAL A 377 -26.63 9.73 -16.76
C VAL A 377 -26.84 10.52 -15.47
N GLU A 378 -26.59 11.82 -15.50
CA GLU A 378 -26.71 12.63 -14.29
C GLU A 378 -28.15 12.89 -13.90
N VAL A 379 -28.40 12.90 -12.61
CA VAL A 379 -29.69 13.26 -12.04
C VAL A 379 -29.46 14.22 -10.89
N ASP A 380 -30.51 14.89 -10.44
CA ASP A 380 -30.40 15.80 -9.32
C ASP A 380 -30.04 15.04 -8.05
N ALA A 381 -29.33 15.69 -7.14
CA ALA A 381 -28.87 15.07 -5.92
C ALA A 381 -30.03 14.59 -5.04
N ASP A 382 -31.20 15.20 -5.21
CA ASP A 382 -32.35 14.86 -4.38
C ASP A 382 -33.24 13.80 -5.03
N SER A 383 -32.84 13.35 -6.22
CA SER A 383 -33.56 12.28 -6.91
C SER A 383 -33.44 10.97 -6.14
N PRO A 384 -34.55 10.23 -6.03
CA PRO A 384 -34.52 8.91 -5.37
C PRO A 384 -33.69 7.89 -6.15
N LYS A 385 -33.26 8.26 -7.35
CA LYS A 385 -32.42 7.40 -8.18
C LYS A 385 -30.93 7.75 -8.05
N ALA A 386 -30.61 8.73 -7.21
CA ALA A 386 -29.25 9.28 -7.18
C ALA A 386 -28.23 8.32 -6.60
N VAL A 387 -27.18 8.07 -7.38
CA VAL A 387 -26.00 7.35 -6.90
C VAL A 387 -24.77 8.22 -7.09
N ALA A 388 -23.97 8.38 -6.04
CA ALA A 388 -22.79 9.24 -6.10
C ALA A 388 -21.63 8.59 -6.86
N GLN A 389 -20.99 9.38 -7.72
CA GLN A 389 -19.78 8.92 -8.42
C GLN A 389 -18.71 10.00 -8.33
N ALA A 390 -17.50 9.60 -7.95
CA ALA A 390 -16.40 10.54 -7.76
C ALA A 390 -15.46 10.55 -8.95
N SER A 391 -15.23 11.74 -9.50
CA SER A 391 -14.29 11.89 -10.61
C SER A 391 -12.85 11.62 -10.17
N ALA A 392 -12.11 10.88 -11.01
CA ALA A 392 -10.70 10.66 -10.79
C ALA A 392 -9.85 11.50 -11.76
N GLY A 393 -10.52 12.41 -12.48
CA GLY A 393 -9.82 13.38 -13.32
C GLY A 393 -9.28 12.86 -14.65
N LYS A 394 -8.08 13.31 -14.99
CA LYS A 394 -7.49 13.07 -16.32
C LYS A 394 -6.32 12.12 -16.26
N VAL A 395 -6.24 11.20 -17.23
CA VAL A 395 -5.12 10.27 -17.33
C VAL A 395 -3.79 11.01 -17.52
N GLY A 396 -2.74 10.53 -16.85
CA GLY A 396 -1.45 11.18 -16.88
C GLY A 396 -0.69 11.03 -18.19
N ILE A 397 0.46 11.70 -18.27
CA ILE A 397 1.29 11.72 -19.47
C ILE A 397 1.95 10.35 -19.71
N ALA A 398 2.12 10.00 -20.98
CA ALA A 398 2.73 8.74 -21.38
C ALA A 398 1.98 7.55 -20.75
N GLU A 399 0.67 7.71 -20.63
CA GLU A 399 -0.16 6.73 -19.96
C GLU A 399 -1.54 6.73 -20.60
N TRP A 400 -2.22 5.58 -20.61
CA TRP A 400 -3.53 5.50 -21.24
C TRP A 400 -4.50 4.64 -20.46
N ALA A 401 -5.77 5.08 -20.42
CA ALA A 401 -6.84 4.26 -19.87
C ALA A 401 -7.99 4.22 -20.87
N VAL A 402 -8.53 3.03 -21.11
CA VAL A 402 -9.70 2.89 -21.95
C VAL A 402 -10.78 2.08 -21.26
N ILE A 403 -12.03 2.40 -21.60
CA ILE A 403 -13.18 1.64 -21.13
C ILE A 403 -13.52 0.60 -22.19
N VAL A 404 -13.78 -0.62 -21.77
CA VAL A 404 -13.75 -1.73 -22.69
C VAL A 404 -14.81 -2.80 -22.39
N ASP A 405 -15.39 -3.37 -23.43
CA ASP A 405 -16.11 -4.64 -23.31
C ASP A 405 -15.05 -5.73 -23.29
N ALA A 406 -14.86 -6.34 -22.13
CA ALA A 406 -13.72 -7.23 -21.89
C ALA A 406 -13.69 -8.44 -22.84
N GLU A 407 -14.84 -9.08 -23.04
CA GLU A 407 -14.93 -10.28 -23.87
C GLU A 407 -14.40 -10.07 -25.28
N SER A 408 -14.74 -8.93 -25.87
CA SER A 408 -14.35 -8.65 -27.25
C SER A 408 -13.15 -7.72 -27.36
N ALA A 409 -12.72 -7.17 -26.22
CA ALA A 409 -11.59 -6.23 -26.16
C ALA A 409 -11.79 -5.03 -27.07
N THR A 410 -12.96 -4.42 -27.00
CA THR A 410 -13.25 -3.27 -27.84
C THR A 410 -13.63 -2.06 -26.99
N GLU A 411 -13.08 -0.91 -27.36
CA GLU A 411 -13.33 0.34 -26.63
C GLU A 411 -14.79 0.74 -26.73
N LEU A 412 -15.34 1.20 -25.60
CA LEU A 412 -16.72 1.65 -25.52
C LEU A 412 -16.81 3.17 -25.66
N PRO A 413 -17.92 3.68 -26.20
CA PRO A 413 -18.11 5.13 -26.28
C PRO A 413 -18.23 5.75 -24.89
N ASP A 414 -17.86 7.02 -24.76
CA ASP A 414 -17.99 7.74 -23.50
C ASP A 414 -19.39 7.61 -22.92
N GLY A 415 -19.48 7.52 -21.60
CA GLY A 415 -20.76 7.42 -20.92
C GLY A 415 -21.20 5.98 -20.67
N GLN A 416 -20.51 5.05 -21.31
CA GLN A 416 -20.82 3.64 -21.12
C GLN A 416 -19.81 2.96 -20.18
N VAL A 417 -20.34 2.11 -19.30
CA VAL A 417 -19.52 1.42 -18.31
C VAL A 417 -18.91 0.13 -18.84
N GLY A 418 -17.63 -0.06 -18.56
CA GLY A 418 -16.94 -1.29 -18.90
C GLY A 418 -15.70 -1.48 -18.04
N GLU A 419 -14.91 -2.50 -18.35
CA GLU A 419 -13.66 -2.71 -17.66
C GLU A 419 -12.68 -1.60 -18.01
N ILE A 420 -11.97 -1.09 -17.01
CA ILE A 420 -10.88 -0.16 -17.26
C ILE A 420 -9.63 -0.95 -17.59
N TRP A 421 -9.06 -0.70 -18.77
CA TRP A 421 -7.77 -1.28 -19.13
C TRP A 421 -6.78 -0.13 -19.25
N ILE A 422 -5.54 -0.36 -18.87
CA ILE A 422 -4.53 0.69 -18.89
C ILE A 422 -3.22 0.24 -19.51
N SER A 423 -2.47 1.19 -20.05
CA SER A 423 -1.21 0.90 -20.71
C SER A 423 -0.21 2.02 -20.48
N GLY A 424 1.08 1.68 -20.44
CA GLY A 424 2.12 2.67 -20.24
C GLY A 424 3.38 2.06 -19.66
N GLN A 425 4.47 2.81 -19.71
CA GLN A 425 5.74 2.28 -19.26
C GLN A 425 5.85 2.20 -17.73
N ASN A 426 4.87 2.77 -17.04
CA ASN A 426 4.78 2.61 -15.58
C ASN A 426 4.08 1.32 -15.18
N MET A 427 3.52 0.60 -16.14
CA MET A 427 2.84 -0.66 -15.83
C MET A 427 3.83 -1.75 -15.45
N GLY A 428 3.57 -2.42 -14.34
CA GLY A 428 4.41 -3.52 -13.88
C GLY A 428 4.51 -4.65 -14.89
N THR A 429 5.46 -5.56 -14.70
CA THR A 429 5.74 -6.56 -15.72
C THR A 429 5.12 -7.91 -15.41
N GLY A 430 4.38 -7.99 -14.30
CA GLY A 430 3.71 -9.21 -13.92
C GLY A 430 3.49 -9.31 -12.43
N TYR A 431 2.83 -10.39 -12.00
CA TYR A 431 2.66 -10.73 -10.60
C TYR A 431 3.71 -11.75 -10.17
N TRP A 432 4.38 -11.52 -9.05
CA TRP A 432 5.41 -12.46 -8.60
C TRP A 432 4.86 -13.85 -8.34
N GLY A 433 5.50 -14.84 -8.96
CA GLY A 433 5.18 -16.24 -8.72
C GLY A 433 3.87 -16.70 -9.33
N LYS A 434 3.28 -15.86 -10.18
CA LYS A 434 1.98 -16.18 -10.78
C LYS A 434 1.99 -15.93 -12.29
N PRO A 435 2.72 -16.77 -13.04
CA PRO A 435 2.96 -16.55 -14.48
C PRO A 435 1.70 -16.54 -15.34
N GLU A 436 0.71 -17.38 -15.05
CA GLU A 436 -0.51 -17.43 -15.86
C GLU A 436 -1.38 -16.20 -15.61
N GLU A 437 -1.58 -15.85 -14.34
CA GLU A 437 -2.34 -14.65 -14.02
C GLU A 437 -1.66 -13.42 -14.60
N SER A 438 -0.34 -13.47 -14.70
CA SER A 438 0.43 -12.36 -15.25
C SER A 438 0.08 -12.14 -16.72
N VAL A 439 0.02 -13.24 -17.47
CA VAL A 439 -0.31 -13.16 -18.88
C VAL A 439 -1.72 -12.63 -19.06
N ALA A 440 -2.67 -13.20 -18.33
CA ALA A 440 -4.07 -12.81 -18.42
C ALA A 440 -4.31 -11.36 -18.01
N THR A 441 -3.57 -10.88 -17.01
CA THR A 441 -3.81 -9.54 -16.47
C THR A 441 -3.05 -8.47 -17.25
N PHE A 442 -1.79 -8.74 -17.58
CA PHE A 442 -0.91 -7.70 -18.10
C PHE A 442 -0.74 -7.67 -19.62
N GLN A 443 -1.07 -8.77 -20.31
CA GLN A 443 -0.69 -8.90 -21.71
C GLN A 443 -1.86 -8.82 -22.69
N ASN A 444 -2.85 -7.99 -22.39
CA ASN A 444 -4.05 -7.92 -23.24
C ASN A 444 -3.89 -6.96 -24.41
N ILE A 445 -4.47 -7.34 -25.54
CA ILE A 445 -4.43 -6.53 -26.76
C ILE A 445 -5.76 -5.82 -26.96
N LEU A 446 -5.71 -4.52 -27.25
CA LEU A 446 -6.92 -3.75 -27.52
C LEU A 446 -7.31 -3.89 -28.99
N LYS A 447 -8.33 -4.72 -29.24
CA LYS A 447 -8.68 -5.10 -30.61
C LYS A 447 -9.39 -4.00 -31.41
N SER A 448 -10.19 -3.17 -30.75
CA SER A 448 -10.95 -2.14 -31.45
C SER A 448 -11.09 -0.84 -30.66
N ARG A 449 -10.81 0.27 -31.35
CA ARG A 449 -10.90 1.59 -30.73
C ARG A 449 -12.10 2.37 -31.27
N THR A 450 -12.51 3.39 -30.52
CA THR A 450 -13.53 4.32 -30.98
C THR A 450 -12.88 5.51 -31.67
N ASN A 451 -13.71 6.43 -32.17
CA ASN A 451 -13.20 7.65 -32.77
C ASN A 451 -13.92 8.87 -32.20
N PRO A 452 -13.22 9.68 -31.39
CA PRO A 452 -11.82 9.49 -31.00
C PRO A 452 -11.61 8.40 -29.96
N SER A 453 -10.36 8.01 -29.74
CA SER A 453 -10.03 6.95 -28.80
C SER A 453 -9.22 7.45 -27.62
N HIS A 454 -9.45 6.87 -26.45
CA HIS A 454 -8.69 7.22 -25.27
C HIS A 454 -7.33 6.50 -25.29
N ALA A 455 -7.14 5.64 -26.29
CA ALA A 455 -5.87 4.96 -26.49
C ALA A 455 -4.99 5.74 -27.47
N GLU A 456 -5.46 6.89 -27.91
CA GLU A 456 -4.74 7.72 -28.87
C GLU A 456 -3.36 8.10 -28.35
N GLY A 457 -2.32 7.67 -29.06
CA GLY A 457 -0.96 7.93 -28.65
C GLY A 457 -0.24 6.63 -28.33
N ALA A 458 -1.02 5.60 -28.00
CA ALA A 458 -0.48 4.28 -27.73
C ALA A 458 -0.35 3.51 -29.03
N THR A 459 0.71 2.70 -29.15
CA THR A 459 0.90 1.87 -30.32
C THR A 459 -0.20 0.81 -30.37
N ASP A 460 -0.47 0.29 -31.56
CA ASP A 460 -1.58 -0.64 -31.71
C ASP A 460 -1.23 -2.00 -31.12
N ASP A 461 0.06 -2.31 -31.06
CA ASP A 461 0.51 -3.56 -30.46
C ASP A 461 0.85 -3.38 -28.97
N ALA A 462 0.41 -2.27 -28.39
CA ALA A 462 0.61 -2.01 -26.97
C ALA A 462 -0.06 -3.06 -26.12
N THR A 463 0.50 -3.32 -24.96
CA THR A 463 -0.05 -4.32 -24.05
C THR A 463 -0.89 -3.60 -22.98
N TRP A 464 -2.00 -4.22 -22.60
CA TRP A 464 -2.97 -3.56 -21.72
C TRP A 464 -3.25 -4.35 -20.45
N VAL A 465 -3.36 -3.62 -19.35
CA VAL A 465 -3.58 -4.22 -18.04
C VAL A 465 -5.06 -4.19 -17.65
N ARG A 466 -5.60 -5.35 -17.29
CA ARG A 466 -6.96 -5.42 -16.78
C ARG A 466 -6.96 -5.07 -15.30
N THR A 467 -7.47 -3.89 -14.99
CA THR A 467 -7.42 -3.36 -13.64
C THR A 467 -8.28 -4.14 -12.64
N GLY A 468 -9.33 -4.79 -13.13
CA GLY A 468 -10.30 -5.43 -12.25
C GLY A 468 -11.40 -4.45 -11.82
N ASP A 469 -11.38 -3.25 -12.38
CA ASP A 469 -12.38 -2.23 -12.05
C ASP A 469 -13.36 -1.97 -13.18
N TYR A 470 -14.61 -1.66 -12.82
CA TYR A 470 -15.56 -1.07 -13.76
C TYR A 470 -15.48 0.45 -13.68
N GLY A 471 -15.69 1.10 -14.82
CA GLY A 471 -15.71 2.54 -14.83
C GLY A 471 -16.21 3.11 -16.13
N ALA A 472 -16.08 4.42 -16.29
CA ALA A 472 -16.49 5.10 -17.51
C ALA A 472 -15.82 6.46 -17.62
N PHE A 473 -15.66 6.93 -18.85
CA PHE A 473 -15.36 8.34 -19.08
C PHE A 473 -16.67 9.09 -19.22
N TYR A 474 -16.81 10.19 -18.50
CA TYR A 474 -18.01 11.00 -18.62
C TYR A 474 -17.67 12.49 -18.52
N ASP A 475 -17.99 13.22 -19.59
CA ASP A 475 -17.76 14.66 -19.67
C ASP A 475 -16.31 15.00 -19.35
N GLY A 476 -15.38 14.25 -19.94
CA GLY A 476 -13.97 14.56 -19.82
C GLY A 476 -13.22 13.87 -18.70
N ASP A 477 -13.95 13.24 -17.77
CA ASP A 477 -13.34 12.66 -16.57
C ASP A 477 -13.51 11.15 -16.43
N LEU A 478 -12.56 10.52 -15.75
CA LEU A 478 -12.63 9.09 -15.46
C LEU A 478 -13.35 8.85 -14.13
N TYR A 479 -14.32 7.95 -14.16
CA TYR A 479 -15.04 7.52 -12.97
C TYR A 479 -14.85 6.03 -12.77
N ILE A 480 -14.66 5.60 -11.52
CA ILE A 480 -14.59 4.18 -11.20
C ILE A 480 -15.88 3.82 -10.47
N THR A 481 -16.68 2.95 -11.08
CA THR A 481 -18.01 2.65 -10.53
C THR A 481 -17.96 1.52 -9.50
N GLY A 482 -17.00 0.61 -9.65
CA GLY A 482 -16.88 -0.49 -8.72
C GLY A 482 -15.90 -1.54 -9.18
N ARG A 483 -15.76 -2.59 -8.38
CA ARG A 483 -14.84 -3.68 -8.69
C ARG A 483 -15.57 -4.81 -9.42
N VAL A 484 -14.97 -5.30 -10.49
CA VAL A 484 -15.57 -6.36 -11.30
C VAL A 484 -16.00 -7.57 -10.46
N LYS A 485 -15.09 -8.06 -9.61
CA LYS A 485 -15.37 -9.24 -8.80
C LYS A 485 -16.46 -9.02 -7.75
N ASP A 486 -16.74 -7.77 -7.41
CA ASP A 486 -17.74 -7.50 -6.38
C ASP A 486 -19.15 -7.26 -6.93
N LEU A 487 -19.30 -7.12 -8.24
CA LEU A 487 -20.61 -6.80 -8.82
C LEU A 487 -21.64 -7.87 -8.48
N VAL A 488 -22.78 -7.45 -7.93
CA VAL A 488 -23.85 -8.38 -7.56
C VAL A 488 -24.83 -8.57 -8.71
N ILE A 489 -24.83 -9.76 -9.28
CA ILE A 489 -25.67 -10.07 -10.43
C ILE A 489 -26.75 -11.10 -10.06
N ILE A 490 -27.98 -10.61 -9.90
CA ILE A 490 -29.08 -11.44 -9.43
C ILE A 490 -30.29 -11.32 -10.35
N ASP A 491 -30.82 -12.47 -10.78
CA ASP A 491 -32.02 -12.53 -11.62
C ASP A 491 -31.89 -11.66 -12.88
N GLY A 492 -30.72 -11.70 -13.49
CA GLY A 492 -30.47 -10.96 -14.72
C GLY A 492 -30.33 -9.46 -14.54
N ARG A 493 -30.12 -9.02 -13.29
CA ARG A 493 -29.96 -7.59 -13.01
C ARG A 493 -28.69 -7.29 -12.22
N ASN A 494 -28.07 -6.14 -12.50
CA ASN A 494 -26.84 -5.73 -11.84
C ASN A 494 -27.10 -4.84 -10.63
N HIS A 495 -26.32 -5.07 -9.57
CA HIS A 495 -26.35 -4.20 -8.39
C HIS A 495 -24.92 -3.94 -7.92
N TYR A 496 -24.62 -2.67 -7.64
CA TYR A 496 -23.35 -2.33 -7.01
C TYR A 496 -23.46 -2.50 -5.51
N PRO A 497 -22.54 -3.29 -4.92
CA PRO A 497 -22.59 -3.65 -3.50
C PRO A 497 -22.60 -2.45 -2.58
N GLN A 498 -21.76 -1.45 -2.86
CA GLN A 498 -21.70 -0.26 -2.02
C GLN A 498 -23.04 0.49 -2.04
N ASP A 499 -23.75 0.39 -3.16
CA ASP A 499 -25.09 0.97 -3.26
C ASP A 499 -26.07 0.19 -2.37
N LEU A 500 -25.98 -1.13 -2.42
CA LEU A 500 -26.80 -1.98 -1.54
C LEU A 500 -26.44 -1.77 -0.07
N GLU A 501 -25.15 -1.77 0.23
CA GLU A 501 -24.67 -1.53 1.60
C GLU A 501 -25.15 -0.20 2.16
N TYR A 502 -25.21 0.82 1.31
CA TYR A 502 -25.69 2.12 1.74
C TYR A 502 -27.17 2.08 2.12
N SER A 503 -27.99 1.34 1.36
CA SER A 503 -29.40 1.19 1.68
C SER A 503 -29.59 0.46 3.01
N ALA A 504 -28.76 -0.56 3.23
CA ALA A 504 -28.84 -1.36 4.44
C ALA A 504 -28.51 -0.55 5.70
N GLN A 505 -27.48 0.30 5.63
CA GLN A 505 -27.11 1.10 6.80
C GLN A 505 -28.15 2.20 7.05
N GLU A 506 -28.76 2.69 5.97
CA GLU A 506 -29.79 3.71 6.06
C GLU A 506 -31.07 3.15 6.67
N ALA A 507 -31.26 1.84 6.54
CA ALA A 507 -32.50 1.19 6.95
C ALA A 507 -32.54 0.87 8.44
N SER A 508 -31.37 0.66 9.03
CA SER A 508 -31.32 0.21 10.42
C SER A 508 -30.26 0.96 11.23
N LYS A 509 -30.58 1.21 12.51
CA LYS A 509 -29.64 1.85 13.42
C LYS A 509 -28.50 0.91 13.76
N ALA A 510 -28.78 -0.39 13.75
CA ALA A 510 -27.80 -1.41 14.11
C ALA A 510 -26.80 -1.67 12.99
N ILE A 511 -26.96 -0.99 11.86
CA ILE A 511 -26.07 -1.15 10.72
C ILE A 511 -25.28 0.12 10.47
N ARG A 512 -23.96 0.05 10.68
CA ARG A 512 -23.08 1.20 10.53
C ARG A 512 -22.37 1.17 9.18
N THR A 513 -22.26 2.34 8.53
CA THR A 513 -21.50 2.44 7.29
C THR A 513 -20.05 1.98 7.51
N GLY A 514 -19.53 1.21 6.56
CA GLY A 514 -18.18 0.70 6.65
C GLY A 514 -18.10 -0.61 7.41
N TYR A 515 -19.22 -1.03 7.96
CA TYR A 515 -19.28 -2.28 8.71
C TYR A 515 -20.33 -3.23 8.16
N VAL A 516 -20.57 -3.15 6.86
CA VAL A 516 -21.57 -4.00 6.21
C VAL A 516 -21.12 -4.38 4.80
N ALA A 517 -21.38 -5.63 4.41
CA ALA A 517 -20.99 -6.11 3.09
C ALA A 517 -22.14 -6.81 2.37
N ALA A 518 -22.27 -6.52 1.07
CA ALA A 518 -23.25 -7.18 0.23
C ALA A 518 -22.57 -8.04 -0.82
N PHE A 519 -23.04 -9.27 -0.97
CA PHE A 519 -22.51 -10.18 -1.97
C PHE A 519 -23.56 -11.25 -2.28
N SER A 520 -23.35 -12.03 -3.33
CA SER A 520 -24.27 -13.11 -3.66
C SER A 520 -23.59 -14.47 -3.58
N VAL A 521 -24.40 -15.49 -3.33
CA VAL A 521 -23.96 -16.89 -3.35
C VAL A 521 -24.99 -17.73 -4.10
N PRO A 522 -24.54 -18.85 -4.70
CA PRO A 522 -25.52 -19.78 -5.28
C PRO A 522 -26.52 -20.24 -4.22
N ALA A 523 -27.79 -20.36 -4.62
CA ALA A 523 -28.88 -20.67 -3.69
C ALA A 523 -28.62 -21.93 -2.86
N ASN A 524 -28.08 -22.97 -3.49
CA ASN A 524 -27.88 -24.24 -2.80
C ASN A 524 -26.68 -24.24 -1.85
N GLN A 525 -25.93 -23.14 -1.81
CA GLN A 525 -24.83 -23.01 -0.85
C GLN A 525 -25.26 -22.18 0.35
N LEU A 526 -26.52 -21.76 0.36
CA LEU A 526 -27.07 -21.04 1.50
C LEU A 526 -27.16 -21.96 2.71
N PRO A 527 -26.93 -21.41 3.91
CA PRO A 527 -27.05 -22.19 5.15
C PRO A 527 -28.49 -22.64 5.40
N ASP A 528 -28.66 -23.57 6.34
CA ASP A 528 -29.97 -24.17 6.58
C ASP A 528 -30.96 -23.19 7.21
N GLU A 529 -30.46 -22.27 8.03
CA GLU A 529 -31.30 -21.27 8.69
C GLU A 529 -32.17 -20.50 7.68
N VAL A 530 -31.59 -20.21 6.53
CA VAL A 530 -32.27 -19.50 5.46
C VAL A 530 -33.54 -20.23 5.02
N PHE A 531 -33.37 -21.49 4.66
CA PHE A 531 -34.46 -22.31 4.13
C PHE A 531 -35.53 -22.62 5.19
N GLU A 532 -35.18 -22.47 6.46
CA GLU A 532 -36.10 -22.72 7.55
C GLU A 532 -36.81 -21.44 7.99
N ASN A 533 -36.29 -20.30 7.52
CA ASN A 533 -36.91 -19.02 7.79
C ASN A 533 -38.05 -18.74 6.82
N ALA A 534 -39.18 -18.30 7.35
CA ALA A 534 -40.35 -18.01 6.53
C ALA A 534 -40.13 -16.76 5.67
N HIS A 535 -39.53 -15.74 6.26
CA HIS A 535 -39.42 -14.43 5.62
C HIS A 535 -38.32 -14.34 4.57
N SER A 536 -37.57 -15.43 4.37
CA SER A 536 -36.47 -15.42 3.41
C SER A 536 -37.00 -15.37 1.97
N GLY A 537 -38.10 -16.07 1.72
CA GLY A 537 -38.72 -16.08 0.41
C GLY A 537 -38.10 -17.11 -0.52
N ILE A 538 -37.39 -18.06 0.05
CA ILE A 538 -36.73 -19.12 -0.72
C ILE A 538 -36.73 -20.42 0.06
N LYS A 539 -36.88 -21.54 -0.64
CA LYS A 539 -36.85 -22.85 0.01
C LYS A 539 -35.86 -23.78 -0.69
N ARG A 540 -35.48 -24.86 0.01
CA ARG A 540 -34.38 -25.72 -0.42
C ARG A 540 -34.60 -26.37 -1.78
N ASP A 541 -33.56 -26.30 -2.60
CA ASP A 541 -33.52 -26.98 -3.90
C ASP A 541 -32.05 -27.22 -4.23
N PRO A 542 -31.64 -28.50 -4.24
CA PRO A 542 -30.25 -28.89 -4.48
C PRO A 542 -29.77 -28.58 -5.90
N ASP A 543 -30.69 -28.32 -6.82
CA ASP A 543 -30.32 -28.02 -8.19
C ASP A 543 -30.43 -26.53 -8.51
N ASP A 544 -30.84 -25.75 -7.52
CA ASP A 544 -30.94 -24.29 -7.67
C ASP A 544 -29.60 -23.64 -7.38
N THR A 545 -28.93 -23.19 -8.43
CA THR A 545 -27.63 -22.53 -8.29
C THR A 545 -27.71 -21.02 -8.52
N SER A 546 -28.94 -20.51 -8.64
CA SER A 546 -29.14 -19.09 -8.94
C SER A 546 -28.57 -18.21 -7.80
N GLU A 547 -27.96 -17.09 -8.18
CA GLU A 547 -27.34 -16.19 -7.21
C GLU A 547 -28.36 -15.51 -6.30
N GLN A 548 -28.10 -15.53 -5.01
CA GLN A 548 -28.99 -14.94 -4.01
C GLN A 548 -28.23 -13.93 -3.14
N LEU A 549 -28.92 -12.86 -2.75
CA LEU A 549 -28.30 -11.75 -2.00
C LEU A 549 -28.11 -12.05 -0.52
N VAL A 550 -26.91 -11.76 -0.03
CA VAL A 550 -26.59 -11.91 1.38
C VAL A 550 -26.00 -10.61 1.94
N ILE A 551 -26.48 -10.20 3.11
CA ILE A 551 -25.91 -9.05 3.81
C ILE A 551 -25.24 -9.50 5.10
N VAL A 552 -23.97 -9.12 5.28
CA VAL A 552 -23.27 -9.36 6.54
C VAL A 552 -22.86 -8.02 7.17
N ALA A 553 -23.17 -7.86 8.45
CA ALA A 553 -22.89 -6.60 9.14
C ALA A 553 -22.39 -6.82 10.56
N GLU A 554 -21.65 -5.85 11.06
CA GLU A 554 -21.17 -5.89 12.43
C GLU A 554 -21.95 -4.96 13.34
N ARG A 555 -22.12 -5.38 14.58
CA ARG A 555 -22.74 -4.57 15.60
C ARG A 555 -21.65 -3.76 16.25
N ALA A 556 -22.01 -2.75 17.03
CA ALA A 556 -21.01 -2.01 17.78
C ALA A 556 -20.42 -2.92 18.87
N PRO A 557 -19.14 -2.70 19.23
CA PRO A 557 -18.60 -3.42 20.39
C PRO A 557 -19.27 -2.94 21.68
N GLY A 558 -20.02 -3.81 22.34
CA GLY A 558 -20.92 -3.42 23.41
C GLY A 558 -22.33 -3.31 22.87
N ALA A 559 -23.30 -3.05 23.75
CA ALA A 559 -24.70 -2.77 23.37
C ALA A 559 -25.44 -3.97 22.75
N HIS A 560 -24.76 -5.10 22.76
CA HIS A 560 -25.32 -6.43 23.06
C HIS A 560 -26.58 -6.41 23.96
N LYS A 561 -27.74 -6.86 23.48
CA LYS A 561 -27.97 -7.57 22.21
C LYS A 561 -29.40 -7.26 21.75
N LEU A 562 -29.64 -7.10 20.44
CA LEU A 562 -30.99 -6.80 19.96
C LEU A 562 -31.49 -7.82 18.93
N ASP A 563 -32.80 -7.95 18.82
CA ASP A 563 -33.40 -9.01 17.99
C ASP A 563 -33.09 -8.80 16.50
N ILE A 564 -32.54 -9.85 15.89
CA ILE A 564 -32.16 -9.84 14.49
C ILE A 564 -33.39 -9.79 13.57
N GLY A 565 -34.55 -10.12 14.13
CA GLY A 565 -35.80 -10.13 13.39
C GLY A 565 -36.18 -8.83 12.71
N PRO A 566 -36.48 -7.79 13.51
CA PRO A 566 -36.86 -6.48 12.94
C PRO A 566 -35.71 -5.77 12.24
N ILE A 567 -34.47 -6.18 12.53
CA ILE A 567 -33.32 -5.62 11.81
C ILE A 567 -33.32 -6.18 10.39
N THR A 568 -33.49 -7.49 10.29
CA THR A 568 -33.57 -8.18 9.00
C THR A 568 -34.77 -7.68 8.18
N ASP A 569 -35.90 -7.51 8.85
CA ASP A 569 -37.11 -7.04 8.18
C ASP A 569 -36.91 -5.64 7.57
N ASP A 570 -36.34 -4.74 8.35
CA ASP A 570 -36.08 -3.38 7.90
C ASP A 570 -35.13 -3.34 6.70
N ILE A 571 -34.06 -4.14 6.76
CA ILE A 571 -33.09 -4.19 5.69
C ILE A 571 -33.70 -4.79 4.42
N ARG A 572 -34.44 -5.87 4.59
CA ARG A 572 -35.03 -6.58 3.47
C ARG A 572 -36.03 -5.71 2.72
N ALA A 573 -36.89 -5.02 3.45
CA ALA A 573 -37.91 -4.16 2.86
C ALA A 573 -37.27 -2.98 2.14
N ALA A 574 -36.33 -2.32 2.81
CA ALA A 574 -35.68 -1.15 2.26
C ALA A 574 -34.96 -1.46 0.95
N ILE A 575 -34.23 -2.57 0.92
CA ILE A 575 -33.47 -2.93 -0.27
C ILE A 575 -34.41 -3.38 -1.40
N ALA A 576 -35.46 -4.11 -1.04
CA ALA A 576 -36.44 -4.56 -2.03
C ALA A 576 -37.16 -3.37 -2.66
N VAL A 577 -37.55 -2.41 -1.83
CA VAL A 577 -38.30 -1.25 -2.31
C VAL A 577 -37.43 -0.35 -3.21
N ARG A 578 -36.16 -0.16 -2.85
CA ARG A 578 -35.33 0.72 -3.65
C ARG A 578 -34.65 0.00 -4.83
N HIS A 579 -34.28 -1.26 -4.64
CA HIS A 579 -33.46 -1.96 -5.63
C HIS A 579 -34.17 -3.10 -6.36
N GLY A 580 -35.30 -3.56 -5.84
CA GLY A 580 -36.01 -4.65 -6.47
C GLY A 580 -35.28 -5.99 -6.36
N VAL A 581 -34.55 -6.17 -5.27
CA VAL A 581 -33.94 -7.46 -4.97
C VAL A 581 -34.20 -7.81 -3.50
N THR A 582 -34.40 -9.09 -3.21
CA THR A 582 -34.75 -9.53 -1.87
C THR A 582 -33.59 -10.27 -1.19
N VAL A 583 -33.11 -9.73 -0.08
CA VAL A 583 -32.01 -10.38 0.64
C VAL A 583 -32.50 -11.67 1.31
N ARG A 584 -31.76 -12.75 1.08
CA ARG A 584 -32.14 -14.06 1.57
C ARG A 584 -31.62 -14.33 2.97
N ASP A 585 -30.66 -13.53 3.42
CA ASP A 585 -30.08 -13.73 4.76
C ASP A 585 -29.32 -12.50 5.23
N VAL A 586 -29.61 -12.07 6.46
CA VAL A 586 -28.86 -11.01 7.10
C VAL A 586 -28.13 -11.58 8.31
N LEU A 587 -26.80 -11.59 8.24
CA LEU A 587 -25.99 -12.13 9.32
C LEU A 587 -25.28 -11.02 10.07
N LEU A 588 -25.54 -10.94 11.37
CA LEU A 588 -24.86 -9.97 12.22
C LEU A 588 -23.73 -10.67 12.99
N THR A 589 -22.58 -10.01 13.06
CA THR A 589 -21.42 -10.53 13.76
C THR A 589 -20.96 -9.53 14.83
N ALA A 590 -20.00 -9.95 15.64
CA ALA A 590 -19.37 -9.02 16.58
C ALA A 590 -18.41 -8.10 15.83
N ALA A 591 -17.95 -7.04 16.50
CA ALA A 591 -16.99 -6.13 15.90
C ALA A 591 -15.70 -6.87 15.54
N GLY A 592 -15.10 -6.49 14.41
CA GLY A 592 -13.84 -7.08 13.99
C GLY A 592 -13.97 -8.45 13.36
N ALA A 593 -15.20 -8.93 13.19
CA ALA A 593 -15.42 -10.24 12.61
C ALA A 593 -15.12 -10.29 11.12
N ILE A 594 -15.50 -9.23 10.40
CA ILE A 594 -15.38 -9.21 8.95
C ILE A 594 -13.95 -8.93 8.50
N PRO A 595 -13.39 -9.81 7.65
CA PRO A 595 -12.05 -9.64 7.09
C PRO A 595 -11.86 -8.29 6.41
N ARG A 596 -10.71 -7.67 6.67
CA ARG A 596 -10.42 -6.36 6.10
C ARG A 596 -9.08 -6.32 5.40
N THR A 597 -8.77 -5.16 4.81
CA THR A 597 -7.59 -5.00 4.00
C THR A 597 -6.56 -4.11 4.69
N SER A 598 -5.48 -3.83 3.97
CA SER A 598 -4.42 -2.94 4.45
C SER A 598 -5.01 -1.62 4.92
N SER A 599 -5.80 -1.00 4.04
CA SER A 599 -6.43 0.28 4.30
C SER A 599 -7.36 0.22 5.51
N GLY A 600 -7.94 -0.95 5.75
CA GLY A 600 -8.91 -1.13 6.81
C GLY A 600 -10.32 -1.26 6.25
N LYS A 601 -10.39 -1.55 4.95
CA LYS A 601 -11.69 -1.73 4.29
C LYS A 601 -12.06 -3.20 4.17
N ILE A 602 -13.36 -3.46 4.20
CA ILE A 602 -13.89 -4.80 4.06
C ILE A 602 -13.49 -5.44 2.73
N GLY A 603 -12.98 -6.68 2.79
CA GLY A 603 -12.72 -7.46 1.59
C GLY A 603 -13.90 -8.38 1.33
N ARG A 604 -14.69 -8.06 0.31
CA ARG A 604 -16.00 -8.71 0.12
C ARG A 604 -15.92 -10.18 -0.26
N ARG A 605 -14.98 -10.55 -1.12
CA ARG A 605 -14.81 -11.96 -1.46
C ARG A 605 -14.38 -12.76 -0.24
N ALA A 606 -13.62 -12.14 0.66
CA ALA A 606 -13.16 -12.80 1.88
C ALA A 606 -14.30 -12.89 2.90
N CYS A 607 -15.14 -11.86 2.94
CA CYS A 607 -16.33 -11.90 3.78
C CYS A 607 -17.28 -13.00 3.29
N ARG A 608 -17.42 -13.09 1.98
CA ARG A 608 -18.25 -14.10 1.35
C ARG A 608 -17.76 -15.51 1.68
N ALA A 609 -16.46 -15.73 1.57
CA ALA A 609 -15.87 -17.03 1.83
C ALA A 609 -16.05 -17.43 3.30
N ALA A 610 -15.94 -16.45 4.18
CA ALA A 610 -16.09 -16.69 5.62
C ALA A 610 -17.55 -16.83 6.03
N TYR A 611 -18.44 -16.32 5.20
CA TYR A 611 -19.87 -16.54 5.41
C TYR A 611 -20.19 -18.00 5.05
N LEU A 612 -19.65 -18.43 3.92
CA LEU A 612 -19.93 -19.75 3.40
C LEU A 612 -19.21 -20.91 4.09
N ASP A 613 -18.30 -20.65 5.04
CA ASP A 613 -17.46 -21.77 5.49
C ASP A 613 -17.73 -22.51 6.83
N GLY A 614 -18.44 -21.99 7.84
CA GLY A 614 -19.00 -20.66 7.98
C GLY A 614 -18.52 -20.08 9.30
N SER A 615 -17.42 -19.34 9.24
CA SER A 615 -16.75 -18.82 10.44
C SER A 615 -17.59 -17.79 11.16
N LEU A 616 -18.06 -16.79 10.41
CA LEU A 616 -18.78 -15.66 10.96
C LEU A 616 -20.01 -16.10 11.76
N ARG A 617 -20.68 -17.13 11.27
CA ARG A 617 -21.87 -17.66 11.91
C ARG A 617 -21.57 -18.08 13.35
N ALA A 618 -20.59 -18.96 13.52
CA ALA A 618 -20.30 -19.51 14.85
C ALA A 618 -19.32 -18.63 15.65
N GLY A 619 -18.86 -17.54 15.05
CA GLY A 619 -18.02 -16.59 15.76
C GLY A 619 -16.54 -16.87 15.63
N LYS A 620 -16.18 -17.88 14.84
CA LYS A 620 -14.77 -18.18 14.58
C LYS A 620 -14.03 -16.98 14.01
N VAL A 621 -12.71 -16.98 14.14
CA VAL A 621 -11.88 -15.97 13.51
C VAL A 621 -11.89 -16.19 12.01
N ALA A 622 -12.24 -15.16 11.25
CA ALA A 622 -12.37 -15.26 9.80
C ALA A 622 -11.05 -15.01 9.08
N ASN A 623 -10.76 -15.83 8.07
CA ASN A 623 -9.59 -15.63 7.22
C ASN A 623 -9.60 -14.26 6.55
N ASP A 624 -8.48 -13.54 6.66
CA ASP A 624 -8.38 -12.17 6.16
C ASP A 624 -8.43 -12.07 4.63
N PHE A 625 -8.13 -13.17 3.95
CA PHE A 625 -8.16 -13.20 2.49
C PHE A 625 -8.90 -14.42 1.97
N PRO A 626 -9.42 -14.35 0.73
CA PRO A 626 -10.10 -15.49 0.12
C PRO A 626 -9.14 -16.55 -0.39
N ASP A 627 -9.62 -17.79 -0.53
CA ASP A 627 -8.83 -18.87 -1.12
C ASP A 627 -8.42 -18.48 -2.54
N ALA A 628 -7.35 -19.09 -3.02
CA ALA A 628 -6.83 -18.78 -4.36
C ALA A 628 -7.74 -19.30 -5.47
N THR A 629 -8.75 -20.08 -5.09
CA THR A 629 -9.68 -20.66 -6.06
C THR A 629 -10.94 -19.81 -6.22
N ASP A 630 -11.10 -18.82 -5.35
CA ASP A 630 -12.27 -17.95 -5.39
C ASP A 630 -12.25 -17.06 -6.63
N GLU B 1 35.02 -27.70 2.61
CA GLU B 1 35.74 -27.76 3.88
C GLU B 1 34.76 -27.64 5.06
N THR B 2 35.18 -28.10 6.23
CA THR B 2 34.31 -28.17 7.39
C THR B 2 34.57 -27.07 8.44
N HIS B 3 35.65 -26.31 8.26
CA HIS B 3 36.05 -25.26 9.20
C HIS B 3 35.87 -23.86 8.61
N ILE B 4 35.70 -22.86 9.48
CA ILE B 4 35.78 -21.46 9.06
C ILE B 4 36.55 -20.65 10.10
N ASN B 5 37.18 -19.57 9.64
CA ASN B 5 37.84 -18.62 10.52
C ASN B 5 36.88 -17.52 10.95
N LEU B 6 36.74 -17.33 12.26
CA LEU B 6 35.89 -16.27 12.79
C LEU B 6 36.69 -15.24 13.60
N LYS B 7 36.41 -13.98 13.34
CA LYS B 7 37.07 -12.88 14.02
C LYS B 7 36.13 -12.13 14.96
N VAL B 8 36.53 -12.05 16.22
CA VAL B 8 35.74 -11.39 17.26
C VAL B 8 36.40 -10.08 17.68
N SER B 9 35.59 -9.04 17.88
CA SER B 9 36.13 -7.72 18.22
C SER B 9 35.19 -6.94 19.12
N ASP B 10 35.76 -6.29 20.14
CA ASP B 10 34.96 -5.45 21.05
C ASP B 10 35.32 -3.99 20.91
N GLY B 11 35.91 -3.63 19.77
CA GLY B 11 36.28 -2.26 19.50
C GLY B 11 37.77 -2.01 19.61
N SER B 12 38.47 -2.96 20.22
CA SER B 12 39.90 -2.85 20.42
C SER B 12 40.62 -4.17 20.13
N SER B 13 40.33 -5.18 20.94
CA SER B 13 40.94 -6.49 20.80
C SER B 13 40.29 -7.29 19.69
N GLU B 14 41.06 -7.58 18.66
CA GLU B 14 40.58 -8.26 17.47
C GLU B 14 41.17 -9.67 17.39
N ILE B 15 40.46 -10.62 17.96
CA ILE B 15 40.96 -11.98 18.12
C ILE B 15 40.36 -12.97 17.13
N PHE B 16 41.22 -13.72 16.47
CA PHE B 16 40.81 -14.69 15.45
C PHE B 16 40.63 -16.09 16.03
N PHE B 17 39.66 -16.82 15.48
CA PHE B 17 39.39 -18.20 15.90
C PHE B 17 39.23 -19.11 14.68
N LYS B 18 39.27 -20.41 14.91
CA LYS B 18 38.76 -21.35 13.92
C LYS B 18 37.89 -22.39 14.62
N ILE B 19 36.85 -22.80 13.92
CA ILE B 19 35.75 -23.58 14.49
C ILE B 19 35.07 -24.38 13.38
N LYS B 20 34.54 -25.54 13.72
CA LYS B 20 33.76 -26.33 12.78
C LYS B 20 32.38 -25.73 12.68
N LYS B 21 31.81 -25.72 11.48
CA LYS B 21 30.51 -25.09 11.25
C LYS B 21 29.41 -25.68 12.15
N THR B 22 29.61 -26.90 12.62
CA THR B 22 28.62 -27.60 13.44
C THR B 22 28.81 -27.41 14.95
N THR B 23 29.93 -26.79 15.33
CA THR B 23 30.25 -26.58 16.74
C THR B 23 29.56 -25.34 17.32
N PRO B 24 28.89 -25.49 18.48
CA PRO B 24 28.28 -24.36 19.19
C PRO B 24 29.28 -23.25 19.51
N LEU B 25 28.83 -22.00 19.44
CA LEU B 25 29.72 -20.85 19.61
C LEU B 25 30.07 -20.57 21.07
N ARG B 26 29.53 -21.39 21.97
CA ARG B 26 29.73 -21.24 23.41
C ARG B 26 31.20 -21.19 23.81
N ARG B 27 31.96 -22.18 23.36
CA ARG B 27 33.38 -22.27 23.70
C ARG B 27 34.16 -21.09 23.14
N LEU B 28 33.78 -20.65 21.95
CA LEU B 28 34.42 -19.52 21.30
C LEU B 28 34.12 -18.22 22.05
N MET B 29 32.89 -18.08 22.52
CA MET B 29 32.48 -16.90 23.26
C MET B 29 33.21 -16.79 24.59
N GLU B 30 33.25 -17.89 25.34
CA GLU B 30 33.93 -17.92 26.63
C GLU B 30 35.42 -17.72 26.50
N ALA B 31 35.99 -18.20 25.39
CA ALA B 31 37.41 -18.02 25.11
C ALA B 31 37.73 -16.55 24.94
N PHE B 32 36.92 -15.85 24.16
CA PHE B 32 37.09 -14.41 23.97
C PHE B 32 36.77 -13.64 25.24
N ALA B 33 35.85 -14.18 26.04
CA ALA B 33 35.37 -13.52 27.26
C ALA B 33 36.49 -13.16 28.24
N LYS B 34 37.39 -14.13 28.51
CA LYS B 34 38.45 -14.01 29.52
C LYS B 34 39.76 -13.47 29.03
N ARG B 35 39.96 -13.41 27.72
CA ARG B 35 41.18 -12.82 27.22
C ARG B 35 41.00 -11.31 27.34
N GLN B 36 39.77 -10.92 27.65
CA GLN B 36 39.43 -9.55 27.95
C GLN B 36 39.18 -9.36 29.45
N GLY B 37 39.33 -10.43 30.22
CA GLY B 37 39.19 -10.35 31.66
C GLY B 37 37.76 -10.16 32.14
N LYS B 38 36.79 -10.53 31.30
CA LYS B 38 35.35 -10.37 31.64
C LYS B 38 34.69 -11.76 31.64
N GLU B 39 33.52 -11.95 32.23
CA GLU B 39 32.87 -13.23 32.02
C GLU B 39 31.65 -13.22 31.11
N MET B 40 31.40 -14.37 30.49
CA MET B 40 30.57 -14.49 29.29
C MET B 40 29.26 -13.71 29.28
N ASP B 41 28.47 -13.81 30.35
CA ASP B 41 27.21 -13.07 30.45
C ASP B 41 27.41 -11.58 30.78
N SER B 42 28.67 -11.17 30.94
CA SER B 42 28.97 -9.74 30.98
C SER B 42 29.06 -9.19 29.56
N LEU B 43 28.92 -10.08 28.58
CA LEU B 43 29.04 -9.70 27.18
C LEU B 43 27.84 -10.15 26.35
N ARG B 44 27.46 -9.33 25.37
CA ARG B 44 26.52 -9.75 24.34
C ARG B 44 27.27 -9.84 23.01
N PHE B 45 27.00 -10.89 22.24
CA PHE B 45 27.65 -11.09 20.96
C PHE B 45 26.67 -10.87 19.81
N LEU B 46 27.06 -10.01 18.86
CA LEU B 46 26.18 -9.68 17.75
C LEU B 46 26.77 -10.09 16.40
N TYR B 47 25.92 -10.64 15.54
CA TYR B 47 26.28 -10.95 14.16
C TYR B 47 25.30 -10.22 13.25
N ASP B 48 25.83 -9.27 12.47
CA ASP B 48 25.01 -8.33 11.71
C ASP B 48 23.99 -7.62 12.61
N GLY B 49 24.42 -7.29 13.82
CA GLY B 49 23.58 -6.56 14.77
C GLY B 49 22.54 -7.41 15.49
N ILE B 50 22.51 -8.70 15.18
CA ILE B 50 21.55 -9.62 15.77
C ILE B 50 22.23 -10.45 16.86
N ARG B 51 21.60 -10.55 18.02
CA ARG B 51 22.24 -11.23 19.16
C ARG B 51 22.39 -12.72 18.90
N ILE B 52 23.58 -13.24 19.19
CA ILE B 52 23.87 -14.67 19.09
C ILE B 52 23.64 -15.38 20.42
N GLN B 53 23.12 -16.60 20.36
CA GLN B 53 23.01 -17.44 21.55
C GLN B 53 24.17 -18.44 21.58
N ALA B 54 24.62 -18.78 22.78
CA ALA B 54 25.84 -19.58 22.96
C ALA B 54 25.77 -20.97 22.33
N ASP B 55 24.58 -21.56 22.28
CA ASP B 55 24.45 -22.91 21.76
C ASP B 55 24.15 -22.94 20.27
N GLN B 56 24.07 -21.75 19.65
CA GLN B 56 23.94 -21.67 18.19
C GLN B 56 25.27 -21.94 17.52
N THR B 57 25.22 -22.51 16.32
CA THR B 57 26.42 -22.85 15.56
C THR B 57 26.59 -21.89 14.38
N PRO B 58 27.80 -21.83 13.80
CA PRO B 58 27.99 -21.03 12.58
C PRO B 58 27.04 -21.45 11.46
N GLU B 59 26.76 -22.75 11.37
CA GLU B 59 25.86 -23.29 10.35
C GLU B 59 24.44 -22.77 10.55
N ASP B 60 24.02 -22.68 11.80
CA ASP B 60 22.70 -22.12 12.13
C ASP B 60 22.56 -20.69 11.65
N LEU B 61 23.68 -19.97 11.62
CA LEU B 61 23.68 -18.54 11.31
C LEU B 61 24.14 -18.24 9.88
N ASP B 62 24.41 -19.30 9.13
CA ASP B 62 24.93 -19.18 7.76
C ASP B 62 26.21 -18.35 7.69
N MET B 63 27.05 -18.47 8.71
CA MET B 63 28.32 -17.79 8.73
C MET B 63 29.27 -18.32 7.65
N GLU B 64 30.10 -17.44 7.13
CA GLU B 64 31.09 -17.80 6.12
C GLU B 64 32.48 -17.51 6.66
N ASP B 65 33.50 -18.02 5.98
CA ASP B 65 34.88 -17.80 6.39
C ASP B 65 35.19 -16.31 6.50
N ASN B 66 35.85 -15.94 7.60
CA ASN B 66 36.27 -14.56 7.90
C ASN B 66 35.12 -13.60 8.22
N ASP B 67 34.03 -14.13 8.75
CA ASP B 67 32.95 -13.29 9.28
C ASP B 67 33.38 -12.59 10.56
N ILE B 68 32.68 -11.53 10.93
CA ILE B 68 32.98 -10.79 12.15
C ILE B 68 31.86 -10.90 13.18
N ILE B 69 32.23 -11.24 14.40
CA ILE B 69 31.31 -11.16 15.53
C ILE B 69 31.71 -9.98 16.40
N GLU B 70 30.79 -9.05 16.61
CA GLU B 70 31.05 -7.90 17.46
C GLU B 70 30.62 -8.17 18.89
N ALA B 71 31.49 -7.86 19.83
CA ALA B 71 31.21 -8.11 21.24
C ALA B 71 30.98 -6.80 21.99
N HIS B 72 29.83 -6.68 22.65
CA HIS B 72 29.51 -5.52 23.47
C HIS B 72 29.30 -5.99 24.92
N ARG B 73 29.09 -5.07 25.85
CA ARG B 73 28.61 -5.44 27.18
C ARG B 73 27.07 -5.46 27.14
N GLU B 74 26.48 -6.21 28.07
CA GLU B 74 25.07 -6.07 28.54
C GLU B 74 24.22 -7.19 27.98
MG MG C . -6.55 -4.60 -7.69
PG ATP D . -6.47 -6.40 -5.12
O1G ATP D . -5.80 -5.94 -6.40
O2G ATP D . -7.93 -6.77 -5.24
O3G ATP D . -5.63 -7.42 -4.40
PB ATP D . -6.65 -3.57 -4.62
O1B ATP D . -7.43 -2.81 -3.59
O2B ATP D . -7.08 -3.54 -6.06
O3B ATP D . -6.50 -5.11 -4.14
PA ATP D . -4.49 -1.63 -4.73
O1A ATP D . -3.79 -1.19 -3.47
O2A ATP D . -3.72 -1.68 -6.03
O3A ATP D . -5.09 -3.11 -4.49
O5' ATP D . -5.78 -0.68 -4.91
C5' ATP D . -6.08 -0.03 -6.13
C4' ATP D . -7.60 -0.04 -6.27
O4' ATP D . -8.20 0.95 -5.42
C3' ATP D . -8.11 0.32 -7.66
O3' ATP D . -8.06 -0.79 -8.58
C2' ATP D . -9.53 0.74 -7.37
O2' ATP D . -10.34 -0.42 -7.21
C1' ATP D . -9.43 1.42 -6.01
N9 ATP D . -9.36 2.86 -6.30
C8 ATP D . -8.23 3.60 -6.39
N7 ATP D . -8.53 4.89 -6.70
C5 ATP D . -9.86 4.98 -6.81
C6 ATP D . -10.84 6.05 -7.13
N6 ATP D . -10.43 7.32 -7.39
N1 ATP D . -12.15 5.72 -7.15
C2 ATP D . -12.57 4.46 -6.91
N3 ATP D . -11.75 3.44 -6.62
C4 ATP D . -10.41 3.64 -6.55
#